data_6OYU
#
_entry.id   6OYU
#
_cell.length_a   164.641
_cell.length_b   164.641
_cell.length_c   96.301
_cell.angle_alpha   90.00
_cell.angle_beta   90.00
_cell.angle_gamma   90.00
#
_symmetry.space_group_name_H-M   'I 4'
#
loop_
_entity.id
_entity.type
_entity.pdbx_description
1 polymer 'Cytochrome P450 1B1'
2 non-polymer 2-PHENYL-4H-BENZO[H]CHROMEN-4-ONE
3 non-polymer 'PROTOPORPHYRIN IX CONTAINING FE'
4 non-polymer GLYCEROL
5 water water
#
_entity_poly.entity_id   1
_entity_poly.type   'polypeptide(L)'
_entity_poly.pdbx_seq_one_letter_code
;MAKKTSSQPGSRPPGPFPWPLIGNAAEVGSAPHLSFARLARRYGDVFQIRLGSCPVVVLNGERAIRQALVQQGAAFAGRP
PFPSFQVVSGGRSLAFGRYSERWKVQRRVAHSTVRAFSTGQPRSRRVLEQHVLGEARELVRLLVRGSAGGAFLDPAPLTV
VAVANVMSAVCFGCRYSHDDAEFRGLLSHNEKFGRTVGAGSLVDVLPWLQRFPNPVRTAFRDFQQLNRDFYSFVLDKFLR
HRSSLRPGAAPRDMMDAFIHTVGKEEAEGNGDSGPRLDLEYVPATVTDIFGASQDTLSTALQWLLILFTRYPEVQARVQE
ELDRVVGRDRLPCMDDQPHLPYVMAFLYEAMRFSSFVPVTIPHATTADTSIMGYHIPKDTVVFVNQWSVNHDPVKWPNPE
DFNPARFLDKNGFINKDLASSVMIFSVGKRRCIGEELSKMQLFLFISILAHQCNFRANPDEDSKMDFSYGLTIKPKSFTI
NVTLRSTHHHHHH
;
_entity_poly.pdbx_strand_id   A,B
#
loop_
_chem_comp.id
_chem_comp.type
_chem_comp.name
_chem_comp.formula
BHF non-polymer 2-PHENYL-4H-BENZO[H]CHROMEN-4-ONE 'C19 H12 O2'
GOL non-polymer GLYCEROL 'C3 H8 O3'
HEM non-polymer 'PROTOPORPHYRIN IX CONTAINING FE' 'C34 H32 Fe N4 O4'
#
# COMPACT_ATOMS: atom_id res chain seq x y z
N SER A 11 -25.32 22.49 35.12
CA SER A 11 -24.22 21.63 34.74
C SER A 11 -24.27 21.27 33.26
N ARG A 12 -25.42 21.50 32.64
CA ARG A 12 -25.68 21.15 31.24
C ARG A 12 -25.97 22.41 30.43
N PRO A 13 -25.80 22.37 29.11
CA PRO A 13 -25.83 23.60 28.32
C PRO A 13 -27.21 24.20 28.27
N PRO A 14 -27.32 25.49 27.89
CA PRO A 14 -28.63 26.18 27.92
C PRO A 14 -29.81 25.30 27.60
N GLY A 15 -30.78 25.26 28.52
CA GLY A 15 -31.86 24.31 28.48
C GLY A 15 -32.51 24.18 27.12
N PRO A 16 -33.00 22.97 26.80
CA PRO A 16 -33.62 22.74 25.48
C PRO A 16 -34.62 23.81 25.08
N PHE A 17 -34.31 24.54 24.01
CA PHE A 17 -35.26 25.48 23.44
C PHE A 17 -36.03 24.79 22.33
N PRO A 18 -37.37 24.73 22.41
CA PRO A 18 -38.13 24.06 21.34
C PRO A 18 -37.73 24.53 19.95
N TRP A 19 -37.32 23.58 19.11
CA TRP A 19 -36.89 23.87 17.74
C TRP A 19 -37.59 22.91 16.79
N PRO A 20 -37.97 23.37 15.59
CA PRO A 20 -37.88 24.72 15.00
C PRO A 20 -38.67 25.79 15.73
N LEU A 21 -38.25 27.04 15.58
CA LEU A 21 -38.93 28.17 16.20
C LEU A 21 -40.16 28.57 15.39
N PRO A 32 -32.01 27.45 9.00
CA PRO A 32 -31.95 26.14 9.68
C PRO A 32 -30.58 25.93 10.33
N HIS A 33 -29.53 25.84 9.52
CA HIS A 33 -28.18 25.99 10.04
C HIS A 33 -27.91 27.43 10.46
N LEU A 34 -28.69 28.38 9.95
CA LEU A 34 -28.51 29.78 10.31
C LEU A 34 -29.17 30.09 11.65
N SER A 35 -30.37 29.57 11.88
CA SER A 35 -30.99 29.72 13.19
C SER A 35 -30.07 29.20 14.28
N PHE A 36 -29.38 28.09 14.02
CA PHE A 36 -28.40 27.58 14.98
C PHE A 36 -27.34 28.62 15.29
N ALA A 37 -26.88 29.35 14.26
CA ALA A 37 -25.93 30.44 14.50
C ALA A 37 -26.58 31.56 15.30
N ARG A 38 -27.86 31.85 15.01
CA ARG A 38 -28.55 32.90 15.75
C ARG A 38 -28.58 32.58 17.25
N LEU A 39 -28.83 31.31 17.60
CA LEU A 39 -28.89 30.91 19.00
C LEU A 39 -27.51 30.61 19.57
N ALA A 40 -26.51 30.42 18.71
CA ALA A 40 -25.13 30.37 19.17
C ALA A 40 -24.60 31.76 19.46
N ARG A 41 -25.14 32.77 18.79
CA ARG A 41 -24.80 34.17 19.03
C ARG A 41 -25.65 34.79 20.14
N ARG A 42 -26.30 33.96 20.95
CA ARG A 42 -27.11 34.45 22.06
C ARG A 42 -26.85 33.62 23.32
N TYR A 43 -26.87 32.29 23.19
CA TYR A 43 -26.66 31.40 24.32
C TYR A 43 -25.36 30.62 24.22
N GLY A 44 -24.37 31.13 23.50
CA GLY A 44 -23.05 30.53 23.47
C GLY A 44 -22.89 29.46 22.41
N ASP A 45 -21.64 29.08 22.18
CA ASP A 45 -21.29 28.16 21.11
C ASP A 45 -21.86 26.76 21.30
N VAL A 46 -22.36 26.44 22.49
CA VAL A 46 -22.94 25.13 22.77
C VAL A 46 -24.26 25.33 23.49
N PHE A 47 -25.33 24.77 22.93
CA PHE A 47 -26.65 24.86 23.52
C PHE A 47 -27.42 23.60 23.17
N GLN A 48 -28.60 23.47 23.76
CA GLN A 48 -29.47 22.34 23.52
C GLN A 48 -30.82 22.82 22.98
N ILE A 49 -31.50 21.91 22.28
CA ILE A 49 -32.81 22.19 21.73
C ILE A 49 -33.65 20.92 21.82
N ARG A 50 -34.96 21.09 21.93
CA ARG A 50 -35.91 19.98 21.86
C ARG A 50 -36.41 19.90 20.42
N LEU A 51 -36.07 18.81 19.74
CA LEU A 51 -36.41 18.60 18.34
C LEU A 51 -37.52 17.55 18.28
N GLY A 52 -38.75 18.00 18.07
CA GLY A 52 -39.89 17.12 18.14
C GLY A 52 -39.95 16.41 19.48
N SER A 53 -39.47 15.17 19.52
CA SER A 53 -39.40 14.40 20.76
C SER A 53 -37.98 14.13 21.21
N CYS A 54 -36.98 14.51 20.41
CA CYS A 54 -35.58 14.20 20.72
C CYS A 54 -34.85 15.44 21.22
N PRO A 55 -34.09 15.34 22.32
CA PRO A 55 -33.23 16.46 22.73
C PRO A 55 -31.86 16.39 22.07
N VAL A 56 -31.39 17.54 21.59
CA VAL A 56 -30.22 17.61 20.74
C VAL A 56 -29.26 18.68 21.25
N VAL A 57 -27.96 18.38 21.18
CA VAL A 57 -26.90 19.33 21.51
C VAL A 57 -26.29 19.85 20.22
N VAL A 58 -26.20 21.17 20.10
CA VAL A 58 -25.69 21.80 18.89
C VAL A 58 -24.33 22.41 19.19
N LEU A 59 -23.32 22.04 18.40
CA LEU A 59 -21.98 22.58 18.50
C LEU A 59 -21.72 23.51 17.32
N ASN A 60 -21.08 24.65 17.60
CA ASN A 60 -20.93 25.67 16.57
C ASN A 60 -19.50 26.18 16.47
N GLY A 61 -18.92 26.62 17.58
CA GLY A 61 -17.54 27.04 17.53
C GLY A 61 -16.64 25.94 17.01
N GLU A 62 -15.56 26.33 16.33
CA GLU A 62 -14.54 25.36 15.99
C GLU A 62 -13.93 24.74 17.25
N ARG A 63 -13.80 25.53 18.31
CA ARG A 63 -13.33 25.00 19.59
C ARG A 63 -14.22 23.85 20.05
N ALA A 64 -15.53 24.10 20.10
CA ALA A 64 -16.46 23.06 20.52
C ALA A 64 -16.39 21.86 19.59
N ILE A 65 -16.32 22.09 18.29
CA ILE A 65 -16.34 21.00 17.32
C ILE A 65 -15.05 20.21 17.38
N ARG A 66 -13.90 20.90 17.27
CA ARG A 66 -12.63 20.19 17.29
C ARG A 66 -12.41 19.50 18.63
N GLN A 67 -12.76 20.15 19.73
CA GLN A 67 -12.57 19.52 21.04
C GLN A 67 -13.48 18.31 21.23
N ALA A 68 -14.62 18.28 20.53
CA ALA A 68 -15.56 17.18 20.66
C ALA A 68 -15.20 16.01 19.76
N LEU A 69 -14.95 16.28 18.48
CA LEU A 69 -14.75 15.22 17.50
C LEU A 69 -13.31 14.76 17.37
N VAL A 70 -12.33 15.60 17.76
CA VAL A 70 -10.93 15.26 17.63
C VAL A 70 -10.31 14.93 18.98
N GLN A 71 -10.34 15.87 19.93
CA GLN A 71 -9.73 15.62 21.22
C GLN A 71 -10.51 14.56 22.01
N GLN A 72 -11.83 14.56 21.88
CA GLN A 72 -12.68 13.54 22.49
C GLN A 72 -13.40 12.74 21.43
N GLY A 73 -12.64 12.21 20.47
CA GLY A 73 -13.21 11.52 19.32
C GLY A 73 -14.08 10.33 19.68
N ALA A 74 -13.51 9.36 20.40
CA ALA A 74 -14.26 8.16 20.73
C ALA A 74 -15.61 8.51 21.39
N ALA A 75 -15.62 9.53 22.23
CA ALA A 75 -16.84 9.89 22.94
C ALA A 75 -17.92 10.39 22.00
N PHE A 76 -17.59 10.73 20.76
CA PHE A 76 -18.53 11.31 19.82
C PHE A 76 -18.61 10.57 18.49
N ALA A 77 -17.91 9.44 18.36
CA ALA A 77 -17.90 8.69 17.11
C ALA A 77 -19.17 7.88 16.88
N GLY A 78 -20.22 8.07 17.68
CA GLY A 78 -21.41 7.27 17.56
C GLY A 78 -22.42 7.86 16.60
N ARG A 79 -23.54 7.14 16.44
CA ARG A 79 -24.64 7.55 15.59
C ARG A 79 -25.94 7.21 16.30
N PRO A 80 -26.99 8.01 16.12
CA PRO A 80 -28.27 7.67 16.72
C PRO A 80 -28.82 6.38 16.12
N PRO A 81 -29.66 5.66 16.87
CA PRO A 81 -30.38 4.50 16.29
C PRO A 81 -31.71 4.91 15.68
N PHE A 82 -31.64 5.71 14.61
CA PHE A 82 -32.84 6.24 13.98
C PHE A 82 -33.44 5.19 13.04
N PRO A 83 -34.77 5.22 12.85
CA PRO A 83 -35.37 4.34 11.83
C PRO A 83 -34.80 4.55 10.43
N SER A 84 -34.57 5.81 10.03
CA SER A 84 -34.04 6.07 8.70
C SER A 84 -32.77 5.28 8.43
N PHE A 85 -31.90 5.20 9.43
CA PHE A 85 -30.56 4.65 9.25
C PHE A 85 -30.52 3.13 9.18
N GLN A 86 -31.64 2.45 9.45
CA GLN A 86 -31.58 1.00 9.62
C GLN A 86 -31.64 0.25 8.30
N VAL A 87 -32.46 0.72 7.34
CA VAL A 87 -32.62 0.02 6.08
C VAL A 87 -31.61 0.43 5.02
N VAL A 88 -30.87 1.52 5.24
CA VAL A 88 -29.93 2.00 4.23
C VAL A 88 -28.75 1.04 4.15
N SER A 89 -28.39 0.67 2.92
CA SER A 89 -27.28 -0.25 2.68
C SER A 89 -27.48 -1.59 3.37
N GLY A 90 -28.73 -2.02 3.49
CA GLY A 90 -29.01 -3.32 4.08
C GLY A 90 -28.57 -3.46 5.51
N GLY A 91 -28.62 -2.37 6.29
CA GLY A 91 -28.34 -2.43 7.70
C GLY A 91 -26.87 -2.36 8.09
N ARG A 92 -25.95 -2.54 7.15
CA ARG A 92 -24.52 -2.50 7.43
C ARG A 92 -23.88 -1.24 6.86
N SER A 93 -24.62 -0.14 6.88
CA SER A 93 -24.10 1.13 6.40
C SER A 93 -22.98 1.62 7.31
N LEU A 94 -21.89 2.07 6.69
CA LEU A 94 -20.82 2.71 7.46
C LEU A 94 -21.22 4.11 7.89
N ALA A 95 -21.91 4.83 7.01
CA ALA A 95 -22.26 6.22 7.30
C ALA A 95 -23.18 6.33 8.51
N PHE A 96 -24.02 5.32 8.76
CA PHE A 96 -24.99 5.37 9.84
C PHE A 96 -24.81 4.28 10.87
N GLY A 97 -23.85 3.37 10.69
CA GLY A 97 -23.63 2.33 11.67
C GLY A 97 -23.19 2.90 13.00
N ARG A 98 -23.47 2.15 14.07
CA ARG A 98 -23.08 2.57 15.40
C ARG A 98 -21.57 2.40 15.58
N TYR A 99 -21.07 2.85 16.74
CA TYR A 99 -19.65 2.77 17.07
C TYR A 99 -19.38 1.42 17.73
N SER A 100 -18.71 0.53 16.99
CA SER A 100 -18.47 -0.84 17.42
C SER A 100 -17.05 -1.23 17.08
N GLU A 101 -16.53 -2.23 17.79
CA GLU A 101 -15.23 -2.78 17.42
C GLU A 101 -15.25 -3.36 16.02
N ARG A 102 -16.43 -3.68 15.48
CA ARG A 102 -16.54 -4.18 14.12
C ARG A 102 -16.72 -3.05 13.12
N TRP A 103 -17.46 -2.00 13.50
CA TRP A 103 -17.52 -0.80 12.68
C TRP A 103 -16.13 -0.20 12.49
N LYS A 104 -15.32 -0.18 13.55
CA LYS A 104 -13.97 0.32 13.44
C LYS A 104 -13.19 -0.40 12.34
N VAL A 105 -13.41 -1.72 12.22
CA VAL A 105 -12.75 -2.48 11.16
C VAL A 105 -13.26 -2.04 9.79
N GLN A 106 -14.59 -1.97 9.64
CA GLN A 106 -15.18 -1.52 8.39
C GLN A 106 -14.61 -0.17 7.96
N ARG A 107 -14.68 0.82 8.85
CA ARG A 107 -14.17 2.15 8.55
C ARG A 107 -12.71 2.09 8.09
N ARG A 108 -11.87 1.39 8.85
CA ARG A 108 -10.45 1.35 8.54
C ARG A 108 -10.22 0.89 7.09
N VAL A 109 -10.79 -0.25 6.72
CA VAL A 109 -10.54 -0.76 5.37
C VAL A 109 -11.33 0.04 4.34
N ALA A 110 -12.50 0.58 4.73
CA ALA A 110 -13.24 1.43 3.81
C ALA A 110 -12.43 2.67 3.45
N HIS A 111 -12.07 3.45 4.47
CA HIS A 111 -11.30 4.68 4.23
C HIS A 111 -10.04 4.40 3.44
N SER A 112 -9.29 3.37 3.83
CA SER A 112 -8.03 3.08 3.16
C SER A 112 -8.25 2.70 1.69
N THR A 113 -9.28 1.91 1.40
CA THR A 113 -9.47 1.43 0.05
C THR A 113 -9.92 2.56 -0.88
N VAL A 114 -10.77 3.46 -0.40
CA VAL A 114 -11.28 4.50 -1.28
C VAL A 114 -10.23 5.59 -1.49
N ARG A 115 -9.35 5.83 -0.52
CA ARG A 115 -8.27 6.77 -0.75
C ARG A 115 -7.18 6.21 -1.65
N ALA A 116 -7.09 4.88 -1.74
CA ALA A 116 -6.17 4.28 -2.71
C ALA A 116 -6.47 4.76 -4.13
N PHE A 117 -7.69 5.23 -4.38
CA PHE A 117 -8.05 5.80 -5.68
C PHE A 117 -7.89 7.31 -5.72
N SER A 118 -7.80 7.96 -4.55
CA SER A 118 -7.56 9.40 -4.53
C SER A 118 -6.15 9.73 -5.03
N THR A 119 -5.18 8.88 -4.71
CA THR A 119 -3.78 9.16 -5.00
C THR A 119 -3.52 9.25 -6.49
N GLY A 120 -2.26 9.39 -6.89
CA GLY A 120 -1.85 9.33 -8.27
C GLY A 120 -1.26 8.02 -8.70
N GLN A 121 -1.39 6.97 -7.87
CA GLN A 121 -0.78 5.67 -8.15
C GLN A 121 -1.52 4.99 -9.30
N PRO A 122 -1.03 3.83 -9.75
CA PRO A 122 -1.68 3.17 -10.91
C PRO A 122 -3.18 2.98 -10.73
N ARG A 123 -3.58 2.37 -9.62
CA ARG A 123 -4.99 2.20 -9.31
C ARG A 123 -5.81 3.44 -9.63
N SER A 124 -5.33 4.60 -9.19
CA SER A 124 -6.13 5.82 -9.27
C SER A 124 -6.19 6.36 -10.69
N ARG A 125 -5.04 6.50 -11.34
CA ARG A 125 -5.02 7.02 -12.71
C ARG A 125 -5.67 6.07 -13.71
N ARG A 126 -6.16 4.91 -13.26
CA ARG A 126 -6.87 3.97 -14.11
C ARG A 126 -8.38 4.07 -13.93
N VAL A 127 -8.85 4.11 -12.68
CA VAL A 127 -10.27 4.06 -12.38
C VAL A 127 -10.85 5.46 -12.38
N LEU A 128 -10.38 6.32 -11.48
CA LEU A 128 -11.00 7.64 -11.30
C LEU A 128 -10.68 8.55 -12.48
N GLU A 129 -9.39 8.83 -12.70
CA GLU A 129 -9.00 9.84 -13.68
C GLU A 129 -9.71 9.67 -15.01
N GLN A 130 -9.40 8.59 -15.73
CA GLN A 130 -9.87 8.49 -17.10
C GLN A 130 -11.37 8.28 -17.21
N HIS A 131 -12.05 7.97 -16.11
CA HIS A 131 -13.52 8.05 -16.10
C HIS A 131 -13.99 9.49 -15.91
N VAL A 132 -13.27 10.27 -15.11
CA VAL A 132 -13.66 11.66 -14.89
C VAL A 132 -13.48 12.46 -16.17
N LEU A 133 -12.26 12.49 -16.71
CA LEU A 133 -12.04 13.21 -17.96
C LEU A 133 -12.90 12.64 -19.09
N GLY A 134 -13.24 11.35 -19.00
CA GLY A 134 -14.18 10.80 -19.96
C GLY A 134 -15.54 11.45 -19.88
N GLU A 135 -16.01 11.71 -18.65
CA GLU A 135 -17.31 12.35 -18.48
C GLU A 135 -17.21 13.87 -18.56
N ALA A 136 -16.11 14.44 -18.07
CA ALA A 136 -15.90 15.87 -18.21
C ALA A 136 -15.90 16.28 -19.68
N ARG A 137 -15.16 15.54 -20.51
CA ARG A 137 -15.20 15.79 -21.95
C ARG A 137 -16.63 15.72 -22.46
N GLU A 138 -17.40 14.74 -22.00
CA GLU A 138 -18.80 14.62 -22.41
C GLU A 138 -19.63 15.80 -21.90
N LEU A 139 -19.26 16.37 -20.76
CA LEU A 139 -20.09 17.42 -20.17
C LEU A 139 -19.86 18.77 -20.84
N VAL A 140 -18.60 19.12 -21.14
CA VAL A 140 -18.38 20.38 -21.85
C VAL A 140 -19.03 20.33 -23.22
N ARG A 141 -19.14 19.14 -23.80
CA ARG A 141 -19.86 18.99 -25.05
C ARG A 141 -21.32 19.43 -24.90
N LEU A 142 -22.03 18.82 -23.95
CA LEU A 142 -23.46 19.12 -23.79
C LEU A 142 -23.68 20.57 -23.36
N LEU A 143 -22.71 21.17 -22.67
CA LEU A 143 -22.84 22.57 -22.30
C LEU A 143 -22.58 23.47 -23.51
N VAL A 144 -21.38 23.36 -24.09
CA VAL A 144 -21.04 24.15 -25.28
C VAL A 144 -22.15 24.05 -26.32
N ARG A 145 -22.70 22.85 -26.50
CA ARG A 145 -23.73 22.63 -27.49
C ARG A 145 -25.10 23.07 -27.00
N GLY A 146 -25.34 23.01 -25.68
CA GLY A 146 -26.61 23.49 -25.15
C GLY A 146 -26.75 24.99 -25.16
N SER A 147 -25.63 25.72 -25.20
CA SER A 147 -25.63 27.17 -25.27
C SER A 147 -25.42 27.68 -26.69
N ALA A 148 -25.54 26.83 -27.70
CA ALA A 148 -25.31 27.23 -29.08
C ALA A 148 -26.07 28.51 -29.39
N GLY A 149 -25.46 29.36 -30.22
CA GLY A 149 -25.98 30.70 -30.39
C GLY A 149 -25.68 31.52 -29.15
N GLY A 150 -26.66 32.31 -28.72
CA GLY A 150 -26.56 32.99 -27.45
C GLY A 150 -27.42 32.32 -26.40
N ALA A 151 -27.65 31.01 -26.57
CA ALA A 151 -28.59 30.29 -25.74
C ALA A 151 -28.07 30.15 -24.31
N PHE A 152 -29.01 29.98 -23.39
CA PHE A 152 -28.72 29.79 -21.97
C PHE A 152 -29.43 28.54 -21.48
N LEU A 153 -28.78 27.83 -20.55
CA LEU A 153 -29.34 26.58 -20.04
C LEU A 153 -29.03 26.43 -18.57
N ASP A 154 -29.86 25.63 -17.89
CA ASP A 154 -29.62 25.30 -16.49
C ASP A 154 -28.65 24.13 -16.41
N PRO A 155 -27.48 24.30 -15.79
CA PRO A 155 -26.49 23.21 -15.75
C PRO A 155 -26.75 22.17 -14.66
N ALA A 156 -27.68 22.42 -13.74
CA ALA A 156 -27.83 21.53 -12.60
C ALA A 156 -28.14 20.10 -13.02
N PRO A 157 -29.11 19.83 -13.90
CA PRO A 157 -29.36 18.43 -14.29
C PRO A 157 -28.13 17.74 -14.84
N LEU A 158 -27.23 18.48 -15.48
CA LEU A 158 -26.06 17.88 -16.10
C LEU A 158 -24.97 17.54 -15.08
N THR A 159 -24.99 18.18 -13.91
CA THR A 159 -24.05 17.82 -12.85
C THR A 159 -24.49 16.56 -12.12
N VAL A 160 -25.80 16.31 -12.03
CA VAL A 160 -26.30 15.08 -11.42
C VAL A 160 -25.93 13.88 -12.28
N VAL A 161 -26.22 13.96 -13.58
CA VAL A 161 -25.88 12.88 -14.49
C VAL A 161 -24.37 12.64 -14.49
N ALA A 162 -23.59 13.71 -14.60
CA ALA A 162 -22.14 13.57 -14.63
C ALA A 162 -21.63 12.85 -13.39
N VAL A 163 -22.13 13.24 -12.22
CA VAL A 163 -21.66 12.65 -10.98
C VAL A 163 -22.14 11.21 -10.85
N ALA A 164 -23.36 10.93 -11.28
CA ALA A 164 -23.88 9.56 -11.21
C ALA A 164 -23.11 8.63 -12.14
N ASN A 165 -22.74 9.13 -13.33
CA ASN A 165 -22.06 8.28 -14.30
C ASN A 165 -20.63 7.97 -13.84
N VAL A 166 -19.95 8.95 -13.25
CA VAL A 166 -18.57 8.75 -12.85
C VAL A 166 -18.48 7.74 -11.71
N MET A 167 -19.34 7.88 -10.70
CA MET A 167 -19.31 6.94 -9.58
C MET A 167 -19.86 5.58 -9.99
N SER A 168 -20.72 5.53 -10.99
CA SER A 168 -21.11 4.25 -11.56
C SER A 168 -19.89 3.51 -12.09
N ALA A 169 -19.09 4.20 -12.91
CA ALA A 169 -17.88 3.59 -13.44
C ALA A 169 -16.85 3.33 -12.36
N VAL A 170 -16.91 4.06 -11.24
CA VAL A 170 -15.90 3.91 -10.20
C VAL A 170 -16.24 2.74 -9.28
N CYS A 171 -17.52 2.47 -9.05
CA CYS A 171 -17.92 1.41 -8.13
C CYS A 171 -18.16 0.08 -8.82
N PHE A 172 -18.61 0.10 -10.09
CA PHE A 172 -18.90 -1.12 -10.83
C PHE A 172 -18.21 -1.17 -12.19
N GLY A 173 -17.33 -0.21 -12.50
CA GLY A 173 -16.69 -0.16 -13.79
C GLY A 173 -17.59 0.19 -14.95
N CYS A 174 -18.90 0.19 -14.75
CA CYS A 174 -19.87 0.47 -15.81
C CYS A 174 -20.04 1.98 -15.93
N ARG A 175 -19.33 2.59 -16.89
CA ARG A 175 -19.63 3.96 -17.28
C ARG A 175 -20.73 3.90 -18.34
N TYR A 176 -21.98 4.01 -17.89
CA TYR A 176 -23.12 3.91 -18.78
C TYR A 176 -23.08 4.98 -19.86
N SER A 177 -24.02 4.92 -20.80
CA SER A 177 -24.31 6.03 -21.69
C SER A 177 -25.66 6.60 -21.30
N HIS A 178 -25.81 7.91 -21.48
CA HIS A 178 -26.99 8.60 -20.97
C HIS A 178 -28.29 8.06 -21.55
N ASP A 179 -28.22 7.22 -22.60
CA ASP A 179 -29.40 6.52 -23.09
C ASP A 179 -29.79 5.35 -22.20
N ASP A 180 -28.83 4.78 -21.48
CA ASP A 180 -29.00 3.46 -20.88
C ASP A 180 -30.18 3.41 -19.93
N ALA A 181 -31.00 2.36 -20.07
CA ALA A 181 -32.14 2.19 -19.18
C ALA A 181 -31.68 1.96 -17.74
N GLU A 182 -30.65 1.13 -17.55
CA GLU A 182 -30.12 0.93 -16.21
C GLU A 182 -29.64 2.23 -15.59
N PHE A 183 -29.07 3.12 -16.41
CA PHE A 183 -28.61 4.40 -15.91
C PHE A 183 -29.78 5.32 -15.59
N ARG A 184 -30.79 5.36 -16.46
CA ARG A 184 -32.00 6.11 -16.16
C ARG A 184 -32.73 5.54 -14.94
N GLY A 185 -32.40 4.31 -14.54
CA GLY A 185 -32.93 3.78 -13.29
C GLY A 185 -32.14 4.25 -12.08
N LEU A 186 -30.83 4.46 -12.24
CA LEU A 186 -30.03 5.05 -11.17
C LEU A 186 -30.45 6.48 -10.91
N LEU A 187 -30.45 7.31 -11.95
CA LEU A 187 -30.90 8.69 -11.81
C LEU A 187 -32.26 8.75 -11.16
N SER A 188 -33.18 7.85 -11.57
CA SER A 188 -34.52 7.86 -10.99
C SER A 188 -34.49 7.46 -9.53
N HIS A 189 -33.63 6.51 -9.17
CA HIS A 189 -33.49 6.16 -7.76
C HIS A 189 -33.03 7.36 -6.95
N ASN A 190 -31.96 8.03 -7.40
CA ASN A 190 -31.44 9.17 -6.67
C ASN A 190 -32.51 10.23 -6.43
N GLU A 191 -33.36 10.47 -7.43
CA GLU A 191 -34.39 11.49 -7.30
C GLU A 191 -35.43 11.10 -6.25
N LYS A 192 -35.95 9.88 -6.33
CA LYS A 192 -36.92 9.43 -5.34
C LYS A 192 -36.31 9.40 -3.94
N PHE A 193 -35.03 9.04 -3.84
CA PHE A 193 -34.36 9.06 -2.55
C PHE A 193 -34.33 10.47 -1.97
N GLY A 194 -33.94 11.45 -2.78
CA GLY A 194 -33.91 12.81 -2.30
C GLY A 194 -35.30 13.34 -1.96
N ARG A 195 -36.33 12.78 -2.58
CA ARG A 195 -37.69 13.26 -2.37
C ARG A 195 -38.35 12.63 -1.15
N THR A 196 -37.82 11.54 -0.62
CA THR A 196 -38.40 10.88 0.53
C THR A 196 -37.52 10.90 1.78
N VAL A 197 -36.26 11.32 1.68
CA VAL A 197 -35.42 11.44 2.88
C VAL A 197 -36.08 12.37 3.88
N GLY A 198 -36.69 13.46 3.41
CA GLY A 198 -37.41 14.34 4.30
C GLY A 198 -38.36 13.58 5.21
N ALA A 199 -39.18 12.71 4.63
CA ALA A 199 -40.10 11.90 5.42
C ALA A 199 -39.34 10.99 6.38
N GLY A 200 -38.24 10.39 5.92
CA GLY A 200 -37.44 9.57 6.80
C GLY A 200 -36.90 10.34 7.99
N SER A 201 -36.41 11.56 7.76
CA SER A 201 -35.89 12.36 8.86
C SER A 201 -36.99 12.83 9.80
N LEU A 202 -38.22 12.95 9.30
CA LEU A 202 -39.33 13.34 10.16
C LEU A 202 -39.77 12.19 11.06
N VAL A 203 -39.71 10.96 10.56
CA VAL A 203 -40.01 9.79 11.39
C VAL A 203 -38.93 9.56 12.44
N ASP A 204 -37.73 10.10 12.23
CA ASP A 204 -36.65 9.88 13.18
C ASP A 204 -36.92 10.59 14.50
N VAL A 205 -37.46 11.81 14.44
CA VAL A 205 -37.70 12.62 15.63
C VAL A 205 -39.16 12.69 16.02
N LEU A 206 -40.07 12.17 15.19
CA LEU A 206 -41.49 12.05 15.52
C LEU A 206 -41.95 10.62 15.23
N PRO A 207 -41.35 9.63 15.88
CA PRO A 207 -41.65 8.23 15.54
C PRO A 207 -43.11 7.87 15.67
N TRP A 208 -43.89 8.66 16.40
CA TRP A 208 -45.31 8.36 16.56
C TRP A 208 -46.08 8.45 15.24
N LEU A 209 -45.44 8.92 14.16
CA LEU A 209 -46.09 9.00 12.86
C LEU A 209 -46.23 7.64 12.20
N GLN A 210 -45.53 6.62 12.69
CA GLN A 210 -45.72 5.27 12.17
C GLN A 210 -46.92 4.56 12.79
N ARG A 211 -47.71 5.27 13.60
CA ARG A 211 -48.83 4.66 14.30
C ARG A 211 -50.14 4.78 13.54
N PHE A 212 -50.31 5.80 12.72
CA PHE A 212 -51.55 6.04 12.00
C PHE A 212 -51.24 6.43 10.57
N PRO A 213 -52.15 6.13 9.63
CA PRO A 213 -51.90 6.47 8.23
C PRO A 213 -51.69 7.97 8.03
N ASN A 214 -50.67 8.32 7.24
CA ASN A 214 -50.28 9.70 7.03
C ASN A 214 -49.40 9.75 5.79
N PRO A 215 -49.16 10.95 5.24
CA PRO A 215 -48.28 11.04 4.07
C PRO A 215 -46.82 10.71 4.39
N VAL A 216 -46.33 11.03 5.59
CA VAL A 216 -44.94 10.78 5.92
C VAL A 216 -44.68 9.27 6.01
N ARG A 217 -45.62 8.53 6.59
CA ARG A 217 -45.45 7.08 6.68
C ARG A 217 -45.43 6.45 5.29
N THR A 218 -46.32 6.87 4.40
CA THR A 218 -46.31 6.33 3.05
C THR A 218 -44.99 6.66 2.35
N ALA A 219 -44.47 7.87 2.57
CA ALA A 219 -43.20 8.24 1.97
C ALA A 219 -42.04 7.54 2.66
N PHE A 220 -42.13 7.35 3.98
CA PHE A 220 -41.09 6.63 4.69
C PHE A 220 -41.06 5.15 4.31
N ARG A 221 -42.24 4.54 4.17
CA ARG A 221 -42.29 3.16 3.67
C ARG A 221 -41.72 3.09 2.26
N ASP A 222 -42.01 4.10 1.43
CA ASP A 222 -41.38 4.19 0.13
C ASP A 222 -39.88 4.35 0.26
N PHE A 223 -39.45 5.22 1.19
CA PHE A 223 -38.03 5.39 1.45
C PHE A 223 -37.35 4.05 1.68
N GLN A 224 -37.91 3.22 2.55
CA GLN A 224 -37.22 2.01 2.98
C GLN A 224 -37.22 0.94 1.89
N GLN A 225 -38.29 0.86 1.10
CA GLN A 225 -38.28 -0.04 -0.05
C GLN A 225 -37.28 0.43 -1.09
N LEU A 226 -37.16 1.76 -1.27
CA LEU A 226 -36.15 2.30 -2.16
C LEU A 226 -34.76 1.79 -1.81
N ASN A 227 -34.41 1.84 -0.52
CA ASN A 227 -33.09 1.38 -0.09
C ASN A 227 -32.95 -0.13 -0.28
N ARG A 228 -33.97 -0.89 0.10
CA ARG A 228 -33.94 -2.33 -0.15
C ARG A 228 -33.71 -2.62 -1.63
N ASP A 229 -34.45 -1.92 -2.50
CA ASP A 229 -34.34 -2.17 -3.94
C ASP A 229 -32.95 -1.81 -4.45
N PHE A 230 -32.39 -0.70 -4.00
CA PHE A 230 -31.11 -0.27 -4.52
C PHE A 230 -29.95 -1.09 -3.95
N TYR A 231 -29.97 -1.34 -2.63
CA TYR A 231 -28.96 -2.24 -2.08
C TYR A 231 -29.01 -3.59 -2.77
N SER A 232 -30.22 -4.03 -3.17
CA SER A 232 -30.33 -5.24 -3.97
C SER A 232 -29.59 -5.09 -5.29
N PHE A 233 -29.70 -3.92 -5.93
CA PHE A 233 -28.96 -3.67 -7.16
C PHE A 233 -27.47 -3.81 -6.94
N VAL A 234 -26.95 -3.12 -5.91
CA VAL A 234 -25.50 -3.14 -5.66
C VAL A 234 -25.04 -4.56 -5.32
N LEU A 235 -25.85 -5.30 -4.57
CA LEU A 235 -25.50 -6.66 -4.20
C LEU A 235 -25.52 -7.61 -5.39
N ASP A 236 -26.22 -7.26 -6.46
CA ASP A 236 -26.15 -8.04 -7.69
C ASP A 236 -24.81 -7.84 -8.38
N LYS A 237 -24.38 -6.59 -8.51
CA LYS A 237 -23.07 -6.31 -9.10
C LYS A 237 -21.96 -6.93 -8.27
N PHE A 238 -22.17 -7.09 -6.96
CA PHE A 238 -21.15 -7.68 -6.11
C PHE A 238 -20.87 -9.12 -6.52
N LEU A 239 -21.92 -9.89 -6.79
CA LEU A 239 -21.75 -11.29 -7.17
C LEU A 239 -21.11 -11.41 -8.55
N ARG A 240 -21.66 -10.70 -9.54
CA ARG A 240 -21.08 -10.73 -10.87
C ARG A 240 -19.62 -10.32 -10.84
N HIS A 241 -19.24 -9.46 -9.90
CA HIS A 241 -17.84 -9.08 -9.75
C HIS A 241 -17.03 -10.21 -9.10
N ARG A 242 -17.47 -10.66 -7.92
CA ARG A 242 -16.78 -11.76 -7.26
C ARG A 242 -16.71 -12.98 -8.18
N SER A 243 -17.80 -13.24 -8.91
CA SER A 243 -17.83 -14.40 -9.79
C SER A 243 -16.83 -14.28 -10.94
N SER A 244 -16.45 -13.05 -11.31
CA SER A 244 -15.70 -12.81 -12.54
C SER A 244 -14.28 -12.34 -12.32
N LEU A 245 -13.84 -12.15 -11.07
CA LEU A 245 -12.54 -11.54 -10.79
C LEU A 245 -11.50 -12.62 -10.61
N ARG A 246 -10.59 -12.75 -11.58
CA ARG A 246 -9.45 -13.65 -11.43
C ARG A 246 -8.53 -13.12 -10.33
N PRO A 247 -7.82 -14.01 -9.62
CA PRO A 247 -7.19 -13.61 -8.36
C PRO A 247 -5.98 -12.70 -8.52
N GLY A 248 -5.29 -12.77 -9.65
CA GLY A 248 -4.12 -11.94 -9.87
C GLY A 248 -4.37 -10.62 -10.53
N ALA A 249 -5.60 -10.37 -10.99
CA ALA A 249 -5.90 -9.15 -11.73
C ALA A 249 -6.04 -7.96 -10.80
N ALA A 250 -5.60 -6.80 -11.27
CA ALA A 250 -5.79 -5.57 -10.53
C ALA A 250 -7.26 -5.16 -10.56
N PRO A 251 -7.70 -4.34 -9.61
CA PRO A 251 -9.13 -4.02 -9.52
C PRO A 251 -9.62 -3.22 -10.71
N ARG A 252 -10.71 -3.69 -11.32
CA ARG A 252 -11.34 -2.93 -12.39
C ARG A 252 -12.09 -1.71 -11.86
N ASP A 253 -12.47 -1.73 -10.60
CA ASP A 253 -13.26 -0.66 -9.99
C ASP A 253 -13.03 -0.71 -8.48
N MET A 254 -13.91 -0.07 -7.73
CA MET A 254 -13.76 -0.03 -6.27
C MET A 254 -14.38 -1.23 -5.57
N MET A 255 -15.30 -1.95 -6.22
CA MET A 255 -15.83 -3.16 -5.62
C MET A 255 -14.84 -4.32 -5.78
N ASP A 256 -14.09 -4.36 -6.88
CA ASP A 256 -12.99 -5.31 -6.97
C ASP A 256 -12.00 -5.10 -5.83
N ALA A 257 -11.61 -3.85 -5.60
CA ALA A 257 -10.67 -3.55 -4.52
C ALA A 257 -11.20 -4.03 -3.18
N PHE A 258 -12.50 -3.86 -2.93
CA PHE A 258 -13.07 -4.31 -1.67
C PHE A 258 -13.14 -5.82 -1.58
N ILE A 259 -13.38 -6.49 -2.70
CA ILE A 259 -13.35 -7.96 -2.71
C ILE A 259 -11.97 -8.45 -2.33
N HIS A 260 -10.92 -7.77 -2.82
CA HIS A 260 -9.56 -8.18 -2.50
C HIS A 260 -9.27 -8.01 -1.00
N THR A 261 -9.86 -7.00 -0.36
CA THR A 261 -9.66 -6.80 1.07
C THR A 261 -10.57 -7.72 1.88
N VAL A 262 -10.49 -9.02 1.62
CA VAL A 262 -11.34 -9.99 2.30
C VAL A 262 -10.63 -11.35 2.31
N PRO A 275 -11.57 -8.65 15.35
CA PRO A 275 -12.84 -9.12 14.79
C PRO A 275 -12.83 -9.18 13.27
N ARG A 276 -13.80 -9.87 12.68
CA ARG A 276 -13.97 -9.91 11.24
C ARG A 276 -15.45 -9.74 10.92
N LEU A 277 -15.72 -9.43 9.66
CA LEU A 277 -17.05 -9.01 9.24
C LEU A 277 -17.59 -9.93 8.17
N ASP A 278 -18.92 -9.93 8.05
CA ASP A 278 -19.58 -10.76 7.06
C ASP A 278 -19.23 -10.31 5.64
N LEU A 279 -19.25 -11.28 4.72
CA LEU A 279 -19.01 -10.96 3.31
C LEU A 279 -19.94 -9.85 2.84
N GLU A 280 -21.13 -9.76 3.43
CA GLU A 280 -22.13 -8.79 3.01
C GLU A 280 -21.74 -7.35 3.33
N TYR A 281 -20.65 -7.13 4.08
CA TYR A 281 -20.22 -5.76 4.36
C TYR A 281 -19.62 -5.09 3.13
N VAL A 282 -19.18 -5.85 2.14
CA VAL A 282 -18.55 -5.30 0.95
C VAL A 282 -19.57 -4.47 0.18
N PRO A 283 -20.67 -5.06 -0.31
CA PRO A 283 -21.66 -4.25 -1.03
C PRO A 283 -22.31 -3.18 -0.17
N ALA A 284 -22.28 -3.32 1.16
CA ALA A 284 -22.91 -2.32 2.02
C ALA A 284 -22.10 -1.03 2.04
N THR A 285 -20.77 -1.13 2.05
CA THR A 285 -19.95 0.07 1.99
C THR A 285 -19.95 0.65 0.58
N VAL A 286 -20.07 -0.20 -0.43
CA VAL A 286 -20.10 0.30 -1.80
C VAL A 286 -21.41 1.03 -2.08
N THR A 287 -22.48 0.64 -1.38
CA THR A 287 -23.73 1.40 -1.46
C THR A 287 -23.57 2.75 -0.77
N ASP A 288 -22.96 2.77 0.41
CA ASP A 288 -22.64 4.03 1.06
C ASP A 288 -21.77 4.89 0.15
N ILE A 289 -20.72 4.30 -0.42
CA ILE A 289 -19.78 5.05 -1.25
C ILE A 289 -20.51 5.73 -2.41
N PHE A 290 -21.34 4.97 -3.13
CA PHE A 290 -22.08 5.56 -4.23
C PHE A 290 -23.11 6.58 -3.72
N GLY A 291 -23.75 6.27 -2.60
CA GLY A 291 -24.81 7.11 -2.10
C GLY A 291 -24.35 8.48 -1.66
N ALA A 292 -23.44 8.52 -0.67
CA ALA A 292 -22.93 9.79 -0.17
C ALA A 292 -22.26 10.62 -1.26
N SER A 293 -21.99 10.02 -2.42
CA SER A 293 -21.28 10.69 -3.50
C SER A 293 -22.17 11.56 -4.37
N GLN A 294 -23.47 11.32 -4.37
CA GLN A 294 -24.33 11.88 -5.42
C GLN A 294 -24.65 13.35 -5.19
N ASP A 295 -25.49 13.64 -4.19
CA ASP A 295 -25.94 15.01 -3.97
C ASP A 295 -24.79 15.93 -3.59
N THR A 296 -23.73 15.39 -2.97
CA THR A 296 -22.63 16.24 -2.54
C THR A 296 -21.82 16.75 -3.73
N LEU A 297 -21.35 15.83 -4.59
CA LEU A 297 -20.56 16.24 -5.75
C LEU A 297 -21.40 17.03 -6.74
N SER A 298 -22.67 16.63 -6.93
CA SER A 298 -23.57 17.43 -7.76
C SER A 298 -23.62 18.87 -7.27
N THR A 299 -23.91 19.05 -5.98
CA THR A 299 -24.01 20.40 -5.42
C THR A 299 -22.73 21.18 -5.62
N ALA A 300 -21.58 20.54 -5.43
CA ALA A 300 -20.30 21.23 -5.56
C ALA A 300 -20.13 21.78 -6.98
N LEU A 301 -20.36 20.95 -7.99
CA LEU A 301 -20.21 21.41 -9.37
C LEU A 301 -21.08 22.62 -9.64
N GLN A 302 -22.30 22.63 -9.09
CA GLN A 302 -23.19 23.77 -9.30
C GLN A 302 -22.61 25.04 -8.69
N TRP A 303 -22.00 24.92 -7.51
CA TRP A 303 -21.38 26.10 -6.90
C TRP A 303 -20.17 26.56 -7.71
N LEU A 304 -19.32 25.62 -8.14
CA LEU A 304 -18.15 26.01 -8.92
C LEU A 304 -18.54 26.72 -10.20
N LEU A 305 -19.65 26.29 -10.83
CA LEU A 305 -20.06 26.90 -12.09
C LEU A 305 -20.64 28.30 -11.87
N ILE A 306 -21.58 28.43 -10.93
CA ILE A 306 -22.18 29.74 -10.68
C ILE A 306 -21.12 30.74 -10.24
N LEU A 307 -20.09 30.27 -9.54
CA LEU A 307 -19.06 31.19 -9.06
C LEU A 307 -18.23 31.74 -10.22
N PHE A 308 -17.92 30.90 -11.20
CA PHE A 308 -17.24 31.40 -12.41
C PHE A 308 -18.03 32.55 -13.04
N THR A 309 -19.35 32.42 -13.12
CA THR A 309 -20.15 33.41 -13.83
C THR A 309 -20.28 34.69 -13.02
N ARG A 310 -20.47 34.58 -11.71
CA ARG A 310 -20.63 35.77 -10.88
C ARG A 310 -19.29 36.37 -10.45
N TYR A 311 -18.17 35.70 -10.74
CA TYR A 311 -16.85 36.21 -10.40
C TYR A 311 -15.91 35.96 -11.57
N PRO A 312 -16.12 36.68 -12.68
CA PRO A 312 -15.33 36.42 -13.89
C PRO A 312 -13.83 36.59 -13.70
N GLU A 313 -13.40 37.39 -12.73
CA GLU A 313 -11.96 37.60 -12.56
C GLU A 313 -11.26 36.31 -12.16
N VAL A 314 -11.88 35.51 -11.29
CA VAL A 314 -11.26 34.26 -10.85
C VAL A 314 -11.33 33.23 -11.97
N GLN A 315 -12.42 33.22 -12.73
CA GLN A 315 -12.47 32.39 -13.92
C GLN A 315 -11.27 32.69 -14.82
N ALA A 316 -11.06 33.96 -15.13
CA ALA A 316 -9.93 34.36 -15.96
C ALA A 316 -8.60 33.92 -15.34
N ARG A 317 -8.39 34.24 -14.06
CA ARG A 317 -7.14 33.85 -13.42
C ARG A 317 -6.97 32.34 -13.38
N VAL A 318 -8.05 31.60 -13.09
CA VAL A 318 -7.96 30.15 -13.01
C VAL A 318 -7.49 29.58 -14.35
N GLN A 319 -8.26 29.86 -15.40
CA GLN A 319 -7.96 29.24 -16.69
C GLN A 319 -6.64 29.71 -17.25
N GLU A 320 -6.32 31.00 -17.10
CA GLU A 320 -5.04 31.48 -17.62
C GLU A 320 -3.88 30.72 -16.99
N GLU A 321 -4.00 30.37 -15.71
CA GLU A 321 -2.99 29.51 -15.09
C GLU A 321 -2.91 28.16 -15.80
N LEU A 322 -4.07 27.54 -16.03
CA LEU A 322 -4.08 26.23 -16.70
C LEU A 322 -3.29 26.27 -18.00
N ASP A 323 -3.32 27.39 -18.72
CA ASP A 323 -2.54 27.52 -19.94
C ASP A 323 -1.05 27.46 -19.65
N ARG A 324 -0.60 28.21 -18.65
CA ARG A 324 0.81 28.26 -18.31
C ARG A 324 1.34 26.94 -17.76
N VAL A 325 0.49 25.94 -17.55
CA VAL A 325 0.93 24.71 -16.89
C VAL A 325 0.49 23.47 -17.67
N VAL A 326 -0.43 23.66 -18.62
CA VAL A 326 -0.94 22.52 -19.38
C VAL A 326 -0.86 22.81 -20.87
N GLY A 327 -0.55 24.04 -21.24
CA GLY A 327 -0.53 24.37 -22.65
C GLY A 327 -1.94 24.43 -23.21
N ARG A 328 -2.05 24.16 -24.50
CA ARG A 328 -3.35 24.23 -25.17
C ARG A 328 -3.56 23.09 -26.18
N ASP A 329 -2.86 21.98 -26.02
CA ASP A 329 -3.02 20.83 -26.90
C ASP A 329 -3.29 19.54 -26.13
N ARG A 330 -3.62 19.62 -24.85
CA ARG A 330 -3.94 18.45 -24.05
C ARG A 330 -4.79 18.88 -22.87
N LEU A 331 -5.72 18.01 -22.48
CA LEU A 331 -6.57 18.33 -21.34
C LEU A 331 -5.81 18.10 -20.04
N PRO A 332 -6.03 18.93 -19.02
CA PRO A 332 -5.33 18.73 -17.74
C PRO A 332 -5.56 17.33 -17.21
N CYS A 333 -4.78 16.98 -16.18
CA CYS A 333 -4.87 15.66 -15.58
C CYS A 333 -4.29 15.72 -14.17
N MET A 334 -4.18 14.56 -13.53
CA MET A 334 -3.74 14.52 -12.14
C MET A 334 -2.31 15.00 -11.98
N ASP A 335 -1.46 14.79 -12.98
CA ASP A 335 -0.08 15.21 -12.90
C ASP A 335 0.06 16.72 -12.69
N ASP A 336 -0.97 17.48 -13.03
CA ASP A 336 -0.95 18.93 -12.93
C ASP A 336 -1.51 19.45 -11.61
N GLN A 337 -1.93 18.56 -10.71
CA GLN A 337 -2.55 19.01 -9.47
C GLN A 337 -1.62 19.85 -8.62
N PRO A 338 -0.35 19.49 -8.41
CA PRO A 338 0.51 20.34 -7.58
C PRO A 338 0.92 21.62 -8.27
N HIS A 339 1.12 21.58 -9.59
CA HIS A 339 1.50 22.76 -10.35
C HIS A 339 0.33 23.71 -10.61
N LEU A 340 -0.80 23.52 -9.93
CA LEU A 340 -1.98 24.36 -10.09
C LEU A 340 -2.46 24.85 -8.73
N PRO A 341 -1.60 25.58 -8.00
CA PRO A 341 -1.97 25.96 -6.63
C PRO A 341 -3.22 26.81 -6.54
N TYR A 342 -3.64 27.45 -7.64
CA TYR A 342 -4.77 28.34 -7.60
C TYR A 342 -6.10 27.62 -7.83
N VAL A 343 -6.14 26.66 -8.75
CA VAL A 343 -7.38 25.93 -9.01
C VAL A 343 -7.86 25.27 -7.73
N MET A 344 -6.92 24.78 -6.90
CA MET A 344 -7.31 24.22 -5.61
C MET A 344 -7.75 25.32 -4.65
N ALA A 345 -7.05 26.46 -4.66
CA ALA A 345 -7.47 27.58 -3.84
C ALA A 345 -8.89 28.02 -4.20
N PHE A 346 -9.20 28.04 -5.50
CA PHE A 346 -10.57 28.33 -5.92
C PHE A 346 -11.53 27.27 -5.40
N LEU A 347 -11.08 26.02 -5.34
CA LEU A 347 -11.93 24.95 -4.80
C LEU A 347 -12.07 25.06 -3.29
N TYR A 348 -10.94 25.22 -2.58
CA TYR A 348 -10.98 25.20 -1.12
C TYR A 348 -11.89 26.29 -0.56
N GLU A 349 -12.02 27.42 -1.25
CA GLU A 349 -12.88 28.48 -0.75
C GLU A 349 -14.30 28.39 -1.29
N ALA A 350 -14.48 27.92 -2.52
CA ALA A 350 -15.82 27.55 -2.96
C ALA A 350 -16.50 26.70 -1.90
N MET A 351 -15.75 25.77 -1.31
CA MET A 351 -16.29 24.95 -0.22
C MET A 351 -16.51 25.80 1.03
N ARG A 352 -15.55 26.67 1.36
CA ARG A 352 -15.72 27.52 2.53
C ARG A 352 -16.88 28.50 2.34
N PHE A 353 -16.97 29.11 1.16
CA PHE A 353 -17.96 30.16 0.95
C PHE A 353 -19.38 29.60 1.04
N SER A 354 -19.64 28.46 0.40
CA SER A 354 -20.98 27.91 0.37
C SER A 354 -21.27 27.01 1.56
N SER A 355 -20.33 26.15 1.95
CA SER A 355 -20.53 25.18 3.00
C SER A 355 -21.84 24.40 2.76
N PHE A 356 -21.96 23.87 1.53
CA PHE A 356 -23.22 23.25 1.12
C PHE A 356 -23.59 22.02 1.94
N VAL A 357 -22.67 21.52 2.77
CA VAL A 357 -23.03 20.55 3.81
C VAL A 357 -22.95 21.30 5.14
N PRO A 358 -23.94 22.15 5.45
CA PRO A 358 -23.82 22.97 6.67
C PRO A 358 -23.82 22.16 7.95
N VAL A 359 -24.51 21.02 7.97
CA VAL A 359 -24.58 20.17 9.16
C VAL A 359 -24.23 18.75 8.75
N THR A 360 -23.28 18.15 9.47
CA THR A 360 -22.86 16.79 9.17
C THR A 360 -23.98 15.80 9.47
N ILE A 361 -23.73 14.53 9.20
CA ILE A 361 -24.66 13.48 9.63
C ILE A 361 -24.75 13.50 11.15
N PRO A 362 -25.95 13.46 11.74
CA PRO A 362 -26.05 13.54 13.20
C PRO A 362 -25.12 12.57 13.92
N HIS A 363 -24.42 13.09 14.93
CA HIS A 363 -23.55 12.29 15.78
C HIS A 363 -24.31 11.80 17.02
N ALA A 364 -23.67 10.90 17.77
CA ALA A 364 -24.23 10.38 19.01
C ALA A 364 -23.10 10.03 19.95
N THR A 365 -23.30 10.30 21.24
CA THR A 365 -22.24 10.13 22.22
C THR A 365 -22.13 8.68 22.66
N THR A 366 -20.90 8.17 22.67
CA THR A 366 -20.65 6.78 23.09
C THR A 366 -20.62 6.62 24.60
N ALA A 367 -20.48 7.70 25.34
CA ALA A 367 -20.42 7.66 26.80
C ALA A 367 -20.55 9.08 27.33
N ASP A 368 -20.71 9.20 28.64
CA ASP A 368 -20.74 10.52 29.27
C ASP A 368 -19.38 11.19 29.09
N THR A 369 -19.41 12.51 28.89
CA THR A 369 -18.17 13.27 28.68
C THR A 369 -18.50 14.75 28.78
N SER A 370 -17.46 15.58 28.69
CA SER A 370 -17.52 17.01 28.92
C SER A 370 -17.30 17.77 27.63
N ILE A 371 -17.99 18.91 27.50
CA ILE A 371 -17.73 19.85 26.41
C ILE A 371 -17.96 21.27 26.94
N MET A 372 -16.91 22.10 26.88
CA MET A 372 -17.02 23.50 27.30
C MET A 372 -17.64 23.62 28.69
N GLY A 373 -17.28 22.67 29.57
CA GLY A 373 -17.79 22.68 30.92
C GLY A 373 -19.23 22.27 31.06
N TYR A 374 -19.77 21.57 30.08
CA TYR A 374 -21.17 21.13 30.08
C TYR A 374 -21.21 19.61 30.10
N HIS A 375 -22.06 19.06 30.97
CA HIS A 375 -22.23 17.61 31.05
C HIS A 375 -23.09 17.14 29.88
N ILE A 376 -22.71 16.00 29.31
CA ILE A 376 -23.46 15.39 28.22
C ILE A 376 -23.69 13.92 28.54
N PRO A 377 -24.92 13.49 28.80
CA PRO A 377 -25.16 12.06 29.03
C PRO A 377 -24.78 11.25 27.81
N LYS A 378 -24.65 9.93 28.03
CA LYS A 378 -24.41 9.02 26.92
C LYS A 378 -25.67 8.88 26.07
N ASP A 379 -25.46 8.53 24.80
CA ASP A 379 -26.53 8.28 23.85
C ASP A 379 -27.33 9.55 23.54
N THR A 380 -26.69 10.71 23.61
CA THR A 380 -27.34 11.96 23.26
C THR A 380 -27.10 12.29 21.79
N VAL A 381 -28.13 12.82 21.14
CA VAL A 381 -28.04 13.21 19.73
C VAL A 381 -27.38 14.58 19.64
N VAL A 382 -26.29 14.66 18.86
CA VAL A 382 -25.49 15.87 18.76
C VAL A 382 -25.39 16.29 17.31
N PHE A 383 -25.70 17.54 17.03
CA PHE A 383 -25.54 18.13 15.71
C PHE A 383 -24.22 18.90 15.63
N VAL A 384 -23.70 19.02 14.42
CA VAL A 384 -22.42 19.65 14.16
C VAL A 384 -22.62 20.69 13.07
N ASN A 385 -22.39 21.95 13.41
CA ASN A 385 -22.63 23.06 12.49
C ASN A 385 -21.32 23.49 11.86
N GLN A 386 -21.04 22.98 10.65
CA GLN A 386 -19.83 23.37 9.94
C GLN A 386 -19.91 24.79 9.43
N TRP A 387 -21.10 25.23 9.02
CA TRP A 387 -21.26 26.58 8.49
C TRP A 387 -20.81 27.63 9.49
N SER A 388 -21.06 27.39 10.78
CA SER A 388 -20.63 28.33 11.81
C SER A 388 -19.12 28.50 11.81
N VAL A 389 -18.39 27.42 11.52
CA VAL A 389 -16.93 27.50 11.47
C VAL A 389 -16.49 28.33 10.26
N ASN A 390 -16.94 27.96 9.07
CA ASN A 390 -16.50 28.61 7.84
C ASN A 390 -17.03 30.01 7.67
N HIS A 391 -17.86 30.51 8.60
CA HIS A 391 -18.42 31.85 8.48
C HIS A 391 -18.32 32.65 9.77
N ASP A 392 -17.53 32.19 10.75
CA ASP A 392 -17.26 32.97 11.95
C ASP A 392 -16.31 34.09 11.57
N PRO A 393 -16.74 35.37 11.60
CA PRO A 393 -15.86 36.45 11.11
C PRO A 393 -14.51 36.48 11.79
N VAL A 394 -14.44 35.92 13.01
CA VAL A 394 -13.16 35.90 13.73
C VAL A 394 -12.17 35.01 13.01
N LYS A 395 -12.61 33.86 12.51
CA LYS A 395 -11.71 32.89 11.90
C LYS A 395 -11.39 33.27 10.46
N TRP A 396 -12.40 33.64 9.69
CA TRP A 396 -12.22 34.08 8.30
C TRP A 396 -12.65 35.53 8.21
N PRO A 397 -11.73 36.49 8.05
CA PRO A 397 -12.06 37.90 8.30
C PRO A 397 -13.40 38.35 7.74
N ASN A 398 -13.58 38.30 6.42
CA ASN A 398 -14.83 38.70 5.78
C ASN A 398 -15.49 37.47 5.19
N PRO A 399 -16.30 36.74 5.97
CA PRO A 399 -16.74 35.42 5.51
C PRO A 399 -17.61 35.45 4.27
N GLU A 400 -18.50 36.44 4.15
CA GLU A 400 -19.45 36.47 3.04
C GLU A 400 -18.84 36.98 1.74
N ASP A 401 -17.53 37.19 1.70
CA ASP A 401 -16.84 37.66 0.50
C ASP A 401 -16.03 36.52 -0.11
N PHE A 402 -16.11 36.39 -1.42
CA PHE A 402 -15.45 35.31 -2.14
C PHE A 402 -14.08 35.78 -2.61
N ASN A 403 -13.03 35.15 -2.10
CA ASN A 403 -11.65 35.44 -2.52
C ASN A 403 -10.82 34.19 -2.32
N PRO A 404 -10.55 33.43 -3.38
CA PRO A 404 -9.71 32.22 -3.22
C PRO A 404 -8.32 32.51 -2.69
N ALA A 405 -7.79 33.71 -2.92
CA ALA A 405 -6.41 34.01 -2.57
C ALA A 405 -6.12 33.79 -1.09
N ARG A 406 -7.14 33.60 -0.25
CA ARG A 406 -6.91 33.29 1.16
C ARG A 406 -5.90 32.17 1.32
N PHE A 407 -5.94 31.18 0.43
CA PHE A 407 -5.17 29.95 0.56
C PHE A 407 -3.94 29.96 -0.35
N LEU A 408 -3.18 31.04 -0.38
CA LEU A 408 -2.03 31.14 -1.28
C LEU A 408 -0.85 31.77 -0.56
N ASP A 409 0.35 31.50 -1.08
CA ASP A 409 1.58 32.06 -0.53
C ASP A 409 1.79 33.50 -1.02
N ASN A 415 -1.44 27.77 -0.17
CA ASN A 415 -1.17 27.50 1.23
C ASN A 415 -0.90 26.02 1.43
N LYS A 416 -1.21 25.49 2.62
CA LYS A 416 -1.11 24.05 2.84
C LYS A 416 -2.00 23.53 3.96
N ASP A 417 -2.10 24.25 5.09
CA ASP A 417 -2.82 23.73 6.25
C ASP A 417 -3.90 24.64 6.82
N LEU A 418 -4.14 25.82 6.25
CA LEU A 418 -5.40 26.51 6.54
C LEU A 418 -6.49 26.12 5.55
N ALA A 419 -6.15 25.38 4.48
CA ALA A 419 -7.16 24.71 3.69
C ALA A 419 -7.76 23.53 4.46
N SER A 420 -7.02 22.95 5.40
CA SER A 420 -7.53 21.89 6.25
C SER A 420 -8.42 22.41 7.36
N SER A 421 -8.37 23.71 7.64
CA SER A 421 -9.30 24.33 8.56
C SER A 421 -10.67 24.53 7.93
N VAL A 422 -10.75 24.61 6.60
CA VAL A 422 -12.04 24.66 5.93
C VAL A 422 -12.79 23.38 6.25
N MET A 423 -13.92 23.50 6.93
CA MET A 423 -14.68 22.34 7.42
C MET A 423 -15.94 22.18 6.57
N ILE A 424 -15.81 21.37 5.52
CA ILE A 424 -16.95 20.93 4.71
C ILE A 424 -17.15 19.43 4.84
N PHE A 425 -16.05 18.67 4.82
CA PHE A 425 -16.04 17.36 5.45
C PHE A 425 -15.79 17.56 6.94
N SER A 426 -16.28 16.62 7.74
CA SER A 426 -16.16 16.79 9.18
C SER A 426 -14.73 16.51 9.63
N VAL A 427 -14.53 16.27 10.92
CA VAL A 427 -13.26 15.82 11.45
C VAL A 427 -13.54 14.80 12.56
N GLY A 428 -12.48 14.18 13.05
CA GLY A 428 -12.62 13.14 14.05
C GLY A 428 -12.66 11.76 13.43
N LYS A 429 -13.30 10.82 14.10
CA LYS A 429 -13.36 9.45 13.60
C LYS A 429 -14.43 9.23 12.54
N ARG A 430 -15.32 10.20 12.33
CA ARG A 430 -16.39 10.08 11.33
C ARG A 430 -16.18 11.00 10.14
N ARG A 431 -15.02 11.65 10.02
CA ARG A 431 -14.75 12.50 8.88
C ARG A 431 -14.94 11.73 7.58
N CYS A 432 -15.44 12.42 6.56
CA CYS A 432 -15.71 11.79 5.28
C CYS A 432 -14.52 10.99 4.79
N ILE A 433 -14.78 9.74 4.37
CA ILE A 433 -13.72 8.89 3.83
C ILE A 433 -13.43 9.19 2.37
N GLY A 434 -14.19 10.09 1.75
CA GLY A 434 -13.98 10.44 0.36
C GLY A 434 -13.51 11.87 0.19
N GLU A 435 -12.95 12.44 1.25
CA GLU A 435 -12.47 13.82 1.19
C GLU A 435 -11.47 14.00 0.05
N GLU A 436 -10.40 13.19 0.05
CA GLU A 436 -9.37 13.34 -0.97
C GLU A 436 -9.85 12.87 -2.33
N LEU A 437 -10.80 11.94 -2.38
CA LEU A 437 -11.30 11.46 -3.66
C LEU A 437 -12.15 12.51 -4.36
N SER A 438 -12.86 13.33 -3.59
CA SER A 438 -13.76 14.33 -4.17
C SER A 438 -13.05 15.62 -4.54
N LYS A 439 -12.05 16.05 -3.76
CA LYS A 439 -11.30 17.24 -4.16
C LYS A 439 -10.38 16.92 -5.34
N MET A 440 -9.97 15.66 -5.48
CA MET A 440 -9.23 15.27 -6.68
C MET A 440 -10.18 15.15 -7.87
N GLN A 441 -11.38 14.62 -7.65
CA GLN A 441 -12.35 14.49 -8.73
C GLN A 441 -12.92 15.85 -9.11
N LEU A 442 -13.22 16.69 -8.13
CA LEU A 442 -13.71 18.04 -8.43
C LEU A 442 -12.66 18.82 -9.20
N PHE A 443 -11.39 18.76 -8.76
CA PHE A 443 -10.33 19.50 -9.42
C PHE A 443 -10.28 19.16 -10.91
N LEU A 444 -10.27 17.88 -11.25
CA LEU A 444 -10.24 17.49 -12.64
C LEU A 444 -11.41 18.07 -13.41
N PHE A 445 -12.59 18.13 -12.79
CA PHE A 445 -13.76 18.67 -13.48
C PHE A 445 -13.59 20.15 -13.78
N ILE A 446 -13.22 20.95 -12.78
CA ILE A 446 -13.10 22.39 -13.02
C ILE A 446 -11.89 22.70 -13.87
N SER A 447 -10.84 21.87 -13.80
CA SER A 447 -9.67 22.11 -14.64
C SER A 447 -9.98 21.84 -16.10
N ILE A 448 -10.60 20.69 -16.40
CA ILE A 448 -10.97 20.40 -17.77
C ILE A 448 -12.03 21.37 -18.26
N LEU A 449 -12.97 21.73 -17.39
CA LEU A 449 -14.01 22.69 -17.77
C LEU A 449 -13.43 24.09 -17.96
N ALA A 450 -12.63 24.54 -16.98
CA ALA A 450 -11.99 25.84 -17.12
C ALA A 450 -10.98 25.87 -18.26
N HIS A 451 -10.36 24.72 -18.55
CA HIS A 451 -9.38 24.67 -19.63
C HIS A 451 -10.03 24.90 -20.99
N GLN A 452 -11.20 24.30 -21.21
CA GLN A 452 -11.79 24.28 -22.54
C GLN A 452 -12.72 25.47 -22.81
N CYS A 453 -13.41 25.98 -21.80
CA CYS A 453 -14.52 26.88 -22.04
C CYS A 453 -14.44 28.13 -21.17
N ASN A 454 -15.29 29.10 -21.53
CA ASN A 454 -15.53 30.29 -20.74
C ASN A 454 -17.01 30.33 -20.39
N PHE A 455 -17.32 30.65 -19.14
CA PHE A 455 -18.67 30.58 -18.61
C PHE A 455 -19.21 31.98 -18.36
N ARG A 456 -20.39 32.26 -18.91
CA ARG A 456 -21.03 33.57 -18.84
C ARG A 456 -22.36 33.47 -18.12
N ALA A 457 -22.65 34.46 -17.27
CA ALA A 457 -23.92 34.50 -16.56
C ALA A 457 -25.03 34.98 -17.49
N ASN A 458 -26.26 34.94 -17.00
CA ASN A 458 -27.40 35.44 -17.76
C ASN A 458 -27.68 36.89 -17.36
N PRO A 459 -27.79 37.82 -18.33
CA PRO A 459 -28.07 39.21 -17.96
C PRO A 459 -29.46 39.42 -17.38
N ASP A 460 -30.45 38.66 -17.84
CA ASP A 460 -31.80 38.73 -17.28
C ASP A 460 -31.86 38.25 -15.84
N GLU A 461 -30.78 37.72 -15.30
CA GLU A 461 -30.74 37.20 -13.94
C GLU A 461 -30.04 38.19 -13.02
N ASP A 462 -30.47 38.20 -11.76
CA ASP A 462 -29.89 39.10 -10.77
C ASP A 462 -28.44 38.73 -10.52
N SER A 463 -27.58 39.76 -10.40
CA SER A 463 -26.17 39.53 -10.12
C SER A 463 -25.94 38.82 -8.79
N LYS A 464 -26.95 38.79 -7.92
CA LYS A 464 -26.83 38.12 -6.64
C LYS A 464 -27.05 36.62 -6.80
N MET A 465 -26.49 35.86 -5.86
CA MET A 465 -26.69 34.42 -5.80
C MET A 465 -27.58 34.11 -4.60
N ASP A 466 -28.82 33.74 -4.86
CA ASP A 466 -29.68 33.24 -3.79
C ASP A 466 -29.37 31.77 -3.55
N PHE A 467 -29.81 31.28 -2.39
CA PHE A 467 -29.49 29.93 -1.93
C PHE A 467 -30.76 29.11 -1.85
N SER A 468 -30.70 27.89 -2.37
CA SER A 468 -31.79 26.91 -2.25
C SER A 468 -31.38 25.89 -1.20
N TYR A 469 -32.10 25.87 -0.09
CA TYR A 469 -31.77 25.00 1.03
C TYR A 469 -32.51 23.67 0.92
N GLY A 470 -31.96 22.66 1.57
CA GLY A 470 -32.55 21.33 1.56
C GLY A 470 -31.54 20.26 1.21
N LEU A 471 -31.33 19.29 2.11
CA LEU A 471 -30.33 18.26 1.90
C LEU A 471 -28.95 18.89 1.78
N THR A 472 -28.77 19.72 0.75
CA THR A 472 -27.57 20.53 0.57
C THR A 472 -28.00 21.95 0.25
N ILE A 473 -27.08 22.88 0.44
CA ILE A 473 -27.29 24.27 0.03
C ILE A 473 -26.91 24.35 -1.44
N LYS A 474 -27.91 24.40 -2.33
CA LYS A 474 -27.66 24.50 -3.76
C LYS A 474 -27.95 25.92 -4.25
N PRO A 475 -27.21 26.41 -5.25
CA PRO A 475 -27.57 27.70 -5.84
C PRO A 475 -28.95 27.61 -6.46
N LYS A 476 -29.83 28.54 -6.09
CA LYS A 476 -31.16 28.61 -6.67
C LYS A 476 -31.04 28.66 -8.20
N SER A 477 -32.02 28.06 -8.87
CA SER A 477 -31.96 27.84 -10.32
C SER A 477 -31.31 29.02 -11.02
N PHE A 478 -30.38 28.71 -11.93
CA PHE A 478 -29.67 29.74 -12.67
C PHE A 478 -29.37 29.23 -14.07
N THR A 479 -29.04 30.15 -14.97
CA THR A 479 -28.70 29.84 -16.34
C THR A 479 -27.28 30.31 -16.63
N ILE A 480 -26.64 29.65 -17.60
CA ILE A 480 -25.31 30.04 -18.05
C ILE A 480 -25.19 29.72 -19.53
N ASN A 481 -24.36 30.49 -20.22
CA ASN A 481 -23.99 30.26 -21.61
C ASN A 481 -22.52 29.89 -21.63
N VAL A 482 -22.21 28.68 -22.09
CA VAL A 482 -20.85 28.17 -22.11
C VAL A 482 -20.36 28.14 -23.56
N THR A 483 -19.20 28.75 -23.79
CA THR A 483 -18.62 28.86 -25.11
C THR A 483 -17.21 28.30 -25.09
N LEU A 484 -16.75 27.85 -26.25
CA LEU A 484 -15.41 27.30 -26.36
C LEU A 484 -14.40 28.41 -26.58
N ARG A 485 -13.34 28.40 -25.76
CA ARG A 485 -12.38 29.48 -25.77
C ARG A 485 -11.11 29.12 -26.54
N SER A 486 -10.23 30.11 -26.63
CA SER A 486 -9.09 30.07 -27.52
C SER A 486 -7.80 30.23 -26.72
N THR A 487 -7.53 31.44 -26.25
CA THR A 487 -6.35 31.89 -25.59
C THR A 487 -5.19 30.92 -25.63
N GLY B 10 39.33 4.20 27.42
CA GLY B 10 39.73 3.66 26.14
C GLY B 10 39.88 2.14 26.16
N SER B 11 38.76 1.45 26.32
CA SER B 11 38.73 -0.01 26.34
C SER B 11 38.15 -0.51 25.03
N ARG B 12 38.94 -1.29 24.29
CA ARG B 12 38.51 -1.86 23.01
C ARG B 12 38.51 -3.38 23.12
N PRO B 13 37.87 -4.08 22.19
CA PRO B 13 37.76 -5.54 22.30
C PRO B 13 39.14 -6.20 22.29
N PRO B 14 39.22 -7.49 22.65
CA PRO B 14 40.51 -8.20 22.62
C PRO B 14 41.32 -7.88 21.38
N GLY B 15 42.52 -7.33 21.59
CA GLY B 15 43.34 -6.81 20.52
C GLY B 15 43.33 -7.64 19.27
N PRO B 16 43.57 -7.00 18.12
CA PRO B 16 43.41 -7.70 16.84
C PRO B 16 44.39 -8.85 16.70
N PHE B 17 43.85 -10.03 16.41
CA PHE B 17 44.63 -11.23 16.15
C PHE B 17 44.80 -11.37 14.64
N PRO B 18 46.03 -11.41 14.10
CA PRO B 18 46.18 -11.54 12.65
C PRO B 18 45.36 -12.68 12.07
N TRP B 19 44.34 -12.35 11.28
CA TRP B 19 43.50 -13.35 10.64
C TRP B 19 43.71 -13.35 9.13
N PRO B 20 43.68 -14.51 8.46
CA PRO B 20 43.49 -15.87 8.97
C PRO B 20 44.56 -16.36 9.95
N LEU B 21 44.29 -17.49 10.58
CA LEU B 21 45.19 -18.06 11.57
C LEU B 21 46.32 -18.85 10.90
N ILE B 22 47.29 -19.25 11.70
CA ILE B 22 48.50 -19.87 11.20
C ILE B 22 48.65 -21.27 11.76
N SER B 30 40.33 -23.97 9.11
CA SER B 30 38.87 -24.03 9.13
C SER B 30 38.26 -22.83 8.41
N ALA B 31 36.99 -22.96 8.02
CA ALA B 31 36.29 -21.90 7.32
C ALA B 31 36.10 -20.69 8.22
N PRO B 32 35.87 -19.50 7.64
CA PRO B 32 35.83 -18.27 8.45
C PRO B 32 34.87 -18.33 9.62
N HIS B 33 33.60 -18.62 9.37
CA HIS B 33 32.60 -18.57 10.43
C HIS B 33 32.87 -19.59 11.54
N LEU B 34 33.64 -20.64 11.26
CA LEU B 34 34.00 -21.59 12.30
C LEU B 34 35.23 -21.15 13.08
N SER B 35 36.23 -20.60 12.40
CA SER B 35 37.35 -19.99 13.12
C SER B 35 36.86 -18.83 13.97
N PHE B 36 36.02 -17.96 13.40
CA PHE B 36 35.41 -16.90 14.17
C PHE B 36 34.66 -17.46 15.38
N ALA B 37 33.91 -18.55 15.17
CA ALA B 37 33.17 -19.15 16.27
C ALA B 37 34.10 -19.74 17.33
N ARG B 38 35.30 -20.16 16.92
CA ARG B 38 36.23 -20.78 17.86
C ARG B 38 36.92 -19.73 18.74
N LEU B 39 37.41 -18.65 18.12
CA LEU B 39 38.03 -17.59 18.92
C LEU B 39 37.01 -16.84 19.75
N ALA B 40 35.76 -16.76 19.28
CA ALA B 40 34.70 -16.14 20.07
C ALA B 40 34.53 -16.84 21.41
N ARG B 41 34.82 -18.14 21.47
CA ARG B 41 34.65 -18.89 22.71
C ARG B 41 35.79 -18.69 23.68
N ARG B 42 36.92 -18.15 23.23
CA ARG B 42 38.09 -17.95 24.10
C ARG B 42 38.31 -16.50 24.50
N TYR B 43 38.03 -15.55 23.61
CA TYR B 43 38.25 -14.13 23.88
C TYR B 43 36.94 -13.36 24.00
N GLY B 44 35.82 -14.05 24.17
CA GLY B 44 34.53 -13.41 24.26
C GLY B 44 33.85 -13.31 22.90
N ASP B 45 32.53 -13.13 22.94
CA ASP B 45 31.74 -13.06 21.71
C ASP B 45 31.91 -11.73 20.94
N VAL B 46 32.88 -10.89 21.31
CA VAL B 46 33.19 -9.67 20.58
C VAL B 46 34.70 -9.49 20.63
N PHE B 47 35.35 -9.58 19.49
CA PHE B 47 36.80 -9.50 19.42
C PHE B 47 37.22 -8.80 18.13
N GLN B 48 38.46 -8.33 18.13
CA GLN B 48 39.05 -7.67 16.98
C GLN B 48 39.97 -8.65 16.24
N ILE B 49 40.06 -8.48 14.92
CA ILE B 49 41.02 -9.22 14.10
C ILE B 49 41.66 -8.24 13.13
N ARG B 50 42.81 -8.64 12.61
CA ARG B 50 43.59 -7.86 11.66
C ARG B 50 43.62 -8.62 10.34
N LEU B 51 42.64 -8.34 9.47
CA LEU B 51 42.54 -9.00 8.19
C LEU B 51 43.35 -8.20 7.17
N GLY B 52 44.49 -8.74 6.77
CA GLY B 52 45.37 -7.99 5.89
C GLY B 52 45.76 -6.69 6.57
N SER B 53 45.40 -5.57 5.94
CA SER B 53 45.68 -4.25 6.48
C SER B 53 44.53 -3.69 7.31
N CYS B 54 43.35 -4.34 7.29
CA CYS B 54 42.15 -3.79 7.92
C CYS B 54 41.99 -4.36 9.33
N PRO B 55 41.73 -3.52 10.33
CA PRO B 55 41.28 -4.03 11.64
C PRO B 55 39.77 -4.17 11.69
N VAL B 56 39.27 -5.36 12.03
CA VAL B 56 37.85 -5.66 11.94
C VAL B 56 37.35 -6.14 13.31
N VAL B 57 36.08 -5.83 13.58
CA VAL B 57 35.40 -6.26 14.79
C VAL B 57 34.38 -7.33 14.38
N VAL B 58 34.47 -8.51 14.99
CA VAL B 58 33.55 -9.61 14.73
C VAL B 58 32.47 -9.62 15.82
N LEU B 59 31.25 -9.96 15.43
CA LEU B 59 30.14 -10.13 16.36
C LEU B 59 29.64 -11.56 16.25
N ASN B 60 29.35 -12.18 17.38
CA ASN B 60 29.08 -13.61 17.41
C ASN B 60 27.82 -13.96 18.18
N GLY B 61 27.75 -13.60 19.45
CA GLY B 61 26.60 -13.95 20.25
C GLY B 61 25.31 -13.35 19.70
N GLU B 62 24.19 -13.97 20.06
CA GLU B 62 22.89 -13.38 19.75
C GLU B 62 22.75 -12.03 20.43
N ARG B 63 23.24 -11.90 21.67
CA ARG B 63 23.15 -10.63 22.37
C ARG B 63 24.00 -9.56 21.69
N ALA B 64 25.23 -9.90 21.34
CA ALA B 64 26.11 -8.92 20.70
C ALA B 64 25.50 -8.36 19.42
N ILE B 65 25.06 -9.26 18.53
CA ILE B 65 24.51 -8.82 17.25
C ILE B 65 23.25 -7.99 17.46
N ARG B 66 22.31 -8.52 18.26
CA ARG B 66 21.08 -7.79 18.54
C ARG B 66 21.37 -6.44 19.18
N GLN B 67 22.42 -6.38 20.01
CA GLN B 67 22.79 -5.11 20.64
C GLN B 67 23.39 -4.13 19.63
N ALA B 68 24.08 -4.65 18.61
CA ALA B 68 24.72 -3.77 17.64
C ALA B 68 23.79 -3.37 16.51
N LEU B 69 22.98 -4.31 16.00
CA LEU B 69 22.23 -4.07 14.77
C LEU B 69 20.85 -3.48 14.99
N VAL B 70 20.21 -3.76 16.12
CA VAL B 70 18.88 -3.25 16.41
C VAL B 70 18.90 -2.24 17.57
N GLN B 71 19.53 -2.60 18.69
CA GLN B 71 19.63 -1.66 19.80
C GLN B 71 20.31 -0.37 19.37
N GLN B 72 21.48 -0.48 18.74
CA GLN B 72 22.18 0.68 18.18
C GLN B 72 22.23 0.54 16.66
N GLY B 73 21.06 0.41 16.03
CA GLY B 73 21.00 0.04 14.63
C GLY B 73 21.58 1.08 13.70
N ALA B 74 21.44 2.37 14.03
CA ALA B 74 21.97 3.42 13.18
C ALA B 74 23.49 3.53 13.28
N ALA B 75 24.08 3.09 14.38
CA ALA B 75 25.53 3.15 14.51
C ALA B 75 26.24 2.02 13.78
N PHE B 76 25.51 0.99 13.36
CA PHE B 76 26.09 -0.15 12.63
C PHE B 76 25.46 -0.32 11.26
N ALA B 77 24.78 0.72 10.75
CA ALA B 77 24.06 0.63 9.49
C ALA B 77 24.87 1.10 8.29
N GLY B 78 26.19 1.18 8.43
CA GLY B 78 27.04 1.63 7.34
C GLY B 78 27.76 0.49 6.64
N ARG B 79 28.43 0.83 5.55
CA ARG B 79 29.25 -0.10 4.79
C ARG B 79 30.64 0.48 4.60
N PRO B 80 31.68 -0.35 4.58
CA PRO B 80 33.04 0.17 4.40
C PRO B 80 33.22 0.69 2.98
N PRO B 81 34.16 1.61 2.77
CA PRO B 81 34.42 2.12 1.41
C PRO B 81 35.39 1.21 0.66
N PHE B 82 34.88 0.06 0.24
CA PHE B 82 35.69 -0.96 -0.42
C PHE B 82 35.69 -0.75 -1.94
N PRO B 83 36.83 -1.02 -2.61
CA PRO B 83 36.81 -0.95 -4.08
C PRO B 83 35.74 -1.82 -4.72
N SER B 84 35.67 -3.10 -4.33
CA SER B 84 34.69 -4.01 -4.92
C SER B 84 33.27 -3.46 -4.84
N PHE B 85 32.98 -2.67 -3.81
CA PHE B 85 31.63 -2.20 -3.57
C PHE B 85 31.21 -1.07 -4.50
N GLN B 86 32.18 -0.37 -5.10
CA GLN B 86 31.90 0.90 -5.75
C GLN B 86 31.43 0.79 -7.19
N VAL B 87 31.59 -0.36 -7.83
CA VAL B 87 31.22 -0.51 -9.23
C VAL B 87 29.88 -1.21 -9.35
N VAL B 88 29.54 -2.04 -8.35
CA VAL B 88 28.31 -2.80 -8.42
C VAL B 88 27.12 -1.85 -8.56
N SER B 89 26.23 -2.17 -9.49
CA SER B 89 25.00 -1.41 -9.70
C SER B 89 25.28 0.04 -10.09
N GLY B 90 26.45 0.31 -10.65
CA GLY B 90 26.76 1.63 -11.14
C GLY B 90 27.05 2.66 -10.06
N GLY B 91 27.53 2.21 -8.91
CA GLY B 91 27.84 3.11 -7.81
C GLY B 91 26.65 3.58 -7.00
N ARG B 92 25.44 3.16 -7.35
CA ARG B 92 24.23 3.48 -6.60
C ARG B 92 23.66 2.25 -5.92
N SER B 93 24.50 1.26 -5.63
CA SER B 93 24.04 0.04 -5.00
C SER B 93 23.39 0.35 -3.65
N LEU B 94 22.28 -0.34 -3.38
CA LEU B 94 21.68 -0.25 -2.05
C LEU B 94 22.44 -1.14 -1.06
N ALA B 95 22.80 -2.35 -1.49
CA ALA B 95 23.45 -3.30 -0.59
C ALA B 95 24.86 -2.90 -0.22
N PHE B 96 25.48 -2.00 -0.98
CA PHE B 96 26.85 -1.57 -0.71
C PHE B 96 26.97 -0.06 -0.56
N GLY B 97 25.85 0.65 -0.52
CA GLY B 97 25.90 2.09 -0.34
C GLY B 97 26.13 2.50 1.10
N ARG B 98 26.66 3.70 1.26
CA ARG B 98 26.92 4.25 2.58
C ARG B 98 25.62 4.72 3.23
N TYR B 99 25.63 4.78 4.55
CA TYR B 99 24.47 5.26 5.30
C TYR B 99 24.37 6.78 5.12
N SER B 100 23.30 7.21 4.45
CA SER B 100 23.09 8.62 4.15
C SER B 100 21.60 8.92 4.21
N GLU B 101 21.28 10.21 4.36
CA GLU B 101 19.88 10.61 4.32
C GLU B 101 19.25 10.27 2.98
N ARG B 102 20.07 10.07 1.95
CA ARG B 102 19.62 9.64 0.63
C ARG B 102 19.43 8.13 0.58
N TRP B 103 20.45 7.38 1.02
CA TRP B 103 20.37 5.93 1.04
C TRP B 103 19.12 5.45 1.76
N LYS B 104 18.78 6.09 2.89
CA LYS B 104 17.61 5.67 3.65
C LYS B 104 16.32 5.88 2.87
N VAL B 105 16.31 6.81 1.91
CA VAL B 105 15.18 6.90 1.00
C VAL B 105 15.15 5.70 0.05
N GLN B 106 16.29 5.42 -0.59
CA GLN B 106 16.41 4.22 -1.40
C GLN B 106 16.00 2.98 -0.61
N ARG B 107 16.44 2.88 0.64
CA ARG B 107 16.11 1.72 1.46
C ARG B 107 14.61 1.62 1.71
N ARG B 108 13.99 2.73 2.11
CA ARG B 108 12.56 2.70 2.42
C ARG B 108 11.74 2.34 1.19
N VAL B 109 12.02 2.99 0.06
CA VAL B 109 11.24 2.71 -1.14
C VAL B 109 11.53 1.32 -1.65
N ALA B 110 12.78 0.86 -1.53
CA ALA B 110 13.14 -0.48 -1.96
C ALA B 110 12.37 -1.52 -1.18
N HIS B 111 12.59 -1.58 0.14
CA HIS B 111 11.92 -2.57 0.97
C HIS B 111 10.42 -2.56 0.75
N SER B 112 9.82 -1.36 0.74
CA SER B 112 8.39 -1.25 0.52
C SER B 112 7.99 -1.91 -0.80
N THR B 113 8.68 -1.56 -1.89
CA THR B 113 8.31 -2.08 -3.20
C THR B 113 8.52 -3.59 -3.28
N VAL B 114 9.60 -4.10 -2.68
CA VAL B 114 9.89 -5.51 -2.78
C VAL B 114 8.83 -6.34 -2.08
N ARG B 115 8.46 -5.95 -0.84
CA ARG B 115 7.51 -6.74 -0.09
C ARG B 115 6.06 -6.53 -0.55
N ALA B 116 5.80 -5.52 -1.38
CA ALA B 116 4.51 -5.49 -2.06
C ALA B 116 4.28 -6.77 -2.85
N PHE B 117 5.36 -7.41 -3.32
CA PHE B 117 5.31 -8.71 -3.97
C PHE B 117 5.41 -9.86 -2.97
N SER B 118 5.84 -9.58 -1.73
CA SER B 118 5.84 -10.62 -0.70
C SER B 118 4.42 -10.96 -0.27
N THR B 119 3.56 -9.95 -0.15
CA THR B 119 2.20 -10.14 0.33
C THR B 119 1.42 -11.07 -0.58
N GLY B 120 0.18 -11.38 -0.20
CA GLY B 120 -0.74 -12.07 -1.08
C GLY B 120 -1.58 -11.14 -1.92
N GLN B 121 -1.28 -9.84 -1.92
CA GLN B 121 -2.04 -8.84 -2.64
C GLN B 121 -2.01 -9.13 -4.14
N PRO B 122 -2.79 -8.42 -4.95
CA PRO B 122 -2.94 -8.83 -6.35
C PRO B 122 -1.63 -8.97 -7.11
N ARG B 123 -0.75 -7.96 -7.04
CA ARG B 123 0.45 -7.99 -7.86
C ARG B 123 1.34 -9.18 -7.53
N SER B 124 1.32 -9.64 -6.27
CA SER B 124 2.15 -10.77 -5.89
C SER B 124 1.67 -12.06 -6.54
N ARG B 125 0.36 -12.33 -6.48
CA ARG B 125 -0.19 -13.47 -7.19
C ARG B 125 -0.04 -13.32 -8.70
N ARG B 126 0.17 -12.10 -9.17
CA ARG B 126 0.25 -11.81 -10.59
C ARG B 126 1.63 -12.05 -11.14
N VAL B 127 2.69 -11.75 -10.43
CA VAL B 127 4.03 -11.99 -10.95
C VAL B 127 4.78 -12.99 -10.10
N LEU B 128 4.91 -12.78 -8.78
CA LEU B 128 5.67 -13.77 -8.06
C LEU B 128 5.08 -15.21 -8.20
N GLU B 129 3.86 -15.40 -7.71
CA GLU B 129 3.24 -16.72 -7.72
C GLU B 129 3.21 -17.31 -9.12
N GLN B 130 2.82 -16.49 -10.12
CA GLN B 130 2.66 -17.02 -11.46
C GLN B 130 3.96 -17.61 -11.99
N HIS B 131 5.09 -16.93 -11.76
CA HIS B 131 6.35 -17.37 -12.34
C HIS B 131 7.00 -18.48 -11.54
N VAL B 132 6.86 -18.46 -10.21
CA VAL B 132 7.38 -19.57 -9.40
C VAL B 132 6.71 -20.87 -9.80
N LEU B 133 5.37 -20.89 -9.83
CA LEU B 133 4.65 -22.04 -10.36
C LEU B 133 5.15 -22.39 -11.76
N GLY B 134 5.48 -21.37 -12.56
CA GLY B 134 5.91 -21.64 -13.92
C GLY B 134 7.20 -22.43 -13.98
N GLU B 135 8.16 -22.10 -13.10
CA GLU B 135 9.46 -22.78 -13.12
C GLU B 135 9.44 -24.07 -12.32
N ALA B 136 8.80 -24.07 -11.15
CA ALA B 136 8.67 -25.30 -10.38
C ALA B 136 8.07 -26.41 -11.22
N ARG B 137 6.99 -26.11 -11.94
CA ARG B 137 6.35 -27.12 -12.77
C ARG B 137 7.31 -27.66 -13.82
N GLU B 138 8.13 -26.78 -14.41
CA GLU B 138 9.15 -27.24 -15.34
C GLU B 138 10.38 -27.76 -14.62
N LEU B 139 10.60 -27.36 -13.36
CA LEU B 139 11.73 -27.90 -12.62
C LEU B 139 11.49 -29.36 -12.24
N VAL B 140 10.27 -29.68 -11.79
CA VAL B 140 9.94 -31.08 -11.55
C VAL B 140 9.98 -31.87 -12.86
N ARG B 141 9.66 -31.21 -13.98
CA ARG B 141 9.71 -31.88 -15.27
C ARG B 141 11.14 -32.33 -15.59
N LEU B 142 12.10 -31.42 -15.46
CA LEU B 142 13.48 -31.77 -15.76
C LEU B 142 14.10 -32.66 -14.69
N LEU B 143 13.59 -32.60 -13.46
CA LEU B 143 14.08 -33.51 -12.43
C LEU B 143 13.59 -34.92 -12.66
N VAL B 144 12.31 -35.07 -13.01
CA VAL B 144 11.75 -36.39 -13.27
C VAL B 144 12.26 -36.94 -14.60
N ARG B 145 12.29 -36.10 -15.64
CA ARG B 145 12.73 -36.57 -16.94
C ARG B 145 14.18 -37.05 -16.88
N GLY B 146 15.00 -36.43 -16.05
CA GLY B 146 16.35 -36.88 -15.85
C GLY B 146 16.51 -38.08 -14.93
N SER B 147 15.40 -38.63 -14.44
CA SER B 147 15.40 -39.74 -13.49
C SER B 147 14.42 -40.82 -13.92
N ALA B 148 14.31 -41.04 -15.23
CA ALA B 148 13.18 -41.78 -15.80
C ALA B 148 13.50 -43.26 -15.83
N GLY B 149 13.16 -43.96 -14.75
CA GLY B 149 13.40 -45.39 -14.68
C GLY B 149 14.35 -45.86 -13.59
N GLY B 150 14.75 -44.96 -12.66
CA GLY B 150 15.69 -45.31 -11.59
C GLY B 150 17.06 -44.65 -11.61
N ALA B 151 17.19 -43.44 -12.16
CA ALA B 151 18.49 -42.82 -12.42
C ALA B 151 18.72 -41.63 -11.50
N PHE B 152 19.94 -41.06 -11.57
CA PHE B 152 20.35 -40.00 -10.66
C PHE B 152 21.02 -38.87 -11.42
N LEU B 153 20.93 -37.66 -10.85
CA LEU B 153 21.50 -36.46 -11.43
C LEU B 153 21.80 -35.47 -10.30
N ASP B 154 22.77 -34.57 -10.55
CA ASP B 154 23.08 -33.49 -9.62
C ASP B 154 22.12 -32.33 -9.86
N PRO B 155 21.27 -31.97 -8.89
CA PRO B 155 20.28 -30.91 -9.13
C PRO B 155 20.81 -29.48 -9.05
N ALA B 156 22.03 -29.29 -8.55
CA ALA B 156 22.54 -27.94 -8.34
C ALA B 156 22.47 -27.05 -9.57
N PRO B 157 22.81 -27.51 -10.78
CA PRO B 157 22.70 -26.64 -11.95
C PRO B 157 21.28 -26.20 -12.25
N LEU B 158 20.29 -27.03 -11.91
CA LEU B 158 18.90 -26.72 -12.22
C LEU B 158 18.28 -25.78 -11.20
N THR B 159 18.77 -25.76 -9.96
CA THR B 159 18.34 -24.74 -9.02
C THR B 159 18.83 -23.36 -9.44
N VAL B 160 19.97 -23.29 -10.12
CA VAL B 160 20.51 -22.00 -10.55
C VAL B 160 19.68 -21.44 -11.69
N VAL B 161 19.40 -22.27 -12.70
CA VAL B 161 18.54 -21.83 -13.80
C VAL B 161 17.16 -21.44 -13.28
N ALA B 162 16.52 -22.32 -12.51
CA ALA B 162 15.22 -22.01 -11.94
C ALA B 162 15.23 -20.65 -11.24
N VAL B 163 16.21 -20.45 -10.35
CA VAL B 163 16.28 -19.19 -9.62
C VAL B 163 16.62 -18.04 -10.57
N ALA B 164 17.45 -18.31 -11.58
CA ALA B 164 17.80 -17.26 -12.54
C ALA B 164 16.59 -16.87 -13.38
N ASN B 165 15.78 -17.83 -13.77
CA ASN B 165 14.60 -17.54 -14.59
C ASN B 165 13.56 -16.79 -13.78
N VAL B 166 13.21 -17.31 -12.60
CA VAL B 166 12.15 -16.70 -11.79
C VAL B 166 12.45 -15.22 -11.56
N MET B 167 13.68 -14.91 -11.12
CA MET B 167 14.02 -13.53 -10.81
C MET B 167 14.11 -12.67 -12.07
N SER B 168 14.40 -13.28 -13.22
CA SER B 168 14.37 -12.50 -14.45
C SER B 168 12.95 -12.10 -14.82
N ALA B 169 11.98 -12.96 -14.52
CA ALA B 169 10.57 -12.64 -14.78
C ALA B 169 10.04 -11.65 -13.75
N VAL B 170 10.60 -11.64 -12.55
CA VAL B 170 10.07 -10.77 -11.49
C VAL B 170 10.61 -9.35 -11.63
N CYS B 171 11.79 -9.18 -12.22
CA CYS B 171 12.37 -7.86 -12.42
C CYS B 171 12.04 -7.27 -13.78
N PHE B 172 12.09 -8.08 -14.84
CA PHE B 172 11.88 -7.60 -16.21
C PHE B 172 10.67 -8.23 -16.88
N GLY B 173 9.85 -8.98 -16.15
CA GLY B 173 8.68 -9.62 -16.72
C GLY B 173 9.01 -10.57 -17.86
N CYS B 174 10.30 -10.88 -18.01
CA CYS B 174 10.82 -11.57 -19.18
C CYS B 174 11.34 -12.94 -18.78
N ARG B 175 10.42 -13.87 -18.48
CA ARG B 175 10.78 -15.25 -18.18
C ARG B 175 11.28 -15.93 -19.45
N TYR B 176 12.59 -16.07 -19.57
CA TYR B 176 13.19 -16.51 -20.82
C TYR B 176 12.98 -18.01 -21.03
N SER B 177 13.42 -18.48 -22.18
CA SER B 177 13.60 -19.90 -22.38
C SER B 177 14.97 -20.31 -21.92
N HIS B 178 15.13 -21.61 -21.64
CA HIS B 178 16.44 -22.12 -21.30
C HIS B 178 17.40 -22.07 -22.50
N ASP B 179 16.87 -21.90 -23.71
CA ASP B 179 17.68 -21.80 -24.91
C ASP B 179 18.03 -20.37 -25.30
N ASP B 180 17.35 -19.38 -24.73
CA ASP B 180 17.50 -17.99 -25.14
C ASP B 180 18.93 -17.52 -24.93
N ALA B 181 19.53 -16.94 -25.98
CA ALA B 181 20.90 -16.47 -25.88
C ALA B 181 21.03 -15.36 -24.83
N GLU B 182 20.06 -14.46 -24.77
CA GLU B 182 20.06 -13.43 -23.74
C GLU B 182 20.09 -14.05 -22.35
N PHE B 183 19.35 -15.15 -22.15
CA PHE B 183 19.31 -15.80 -20.85
C PHE B 183 20.61 -16.54 -20.55
N ARG B 184 21.15 -17.25 -21.54
CA ARG B 184 22.43 -17.91 -21.34
C ARG B 184 23.52 -16.90 -21.01
N GLY B 185 23.37 -15.66 -21.47
CA GLY B 185 24.31 -14.61 -21.08
C GLY B 185 24.17 -14.24 -19.61
N LEU B 186 22.94 -14.20 -19.11
CA LEU B 186 22.73 -13.96 -17.68
C LEU B 186 23.41 -15.04 -16.85
N LEU B 187 23.16 -16.30 -17.18
CA LEU B 187 23.78 -17.39 -16.42
C LEU B 187 25.30 -17.29 -16.49
N SER B 188 25.83 -16.93 -17.66
CA SER B 188 27.27 -16.74 -17.78
C SER B 188 27.74 -15.60 -16.90
N HIS B 189 26.95 -14.53 -16.80
CA HIS B 189 27.33 -13.41 -15.94
C HIS B 189 27.45 -13.87 -14.49
N ASN B 190 26.42 -14.57 -13.99
CA ASN B 190 26.45 -15.00 -12.60
C ASN B 190 27.65 -15.90 -12.32
N GLU B 191 28.07 -16.69 -13.31
CA GLU B 191 29.21 -17.59 -13.09
C GLU B 191 30.50 -16.80 -13.00
N LYS B 192 30.75 -15.91 -13.97
CA LYS B 192 31.96 -15.10 -13.92
C LYS B 192 31.98 -14.20 -12.68
N PHE B 193 30.82 -13.66 -12.31
CA PHE B 193 30.73 -12.88 -11.08
C PHE B 193 31.23 -13.69 -9.88
N GLY B 194 30.74 -14.92 -9.73
CA GLY B 194 31.12 -15.73 -8.58
C GLY B 194 32.60 -16.06 -8.58
N ARG B 195 33.14 -16.44 -9.73
CA ARG B 195 34.56 -16.73 -9.84
C ARG B 195 35.42 -15.51 -9.56
N THR B 196 34.90 -14.30 -9.74
CA THR B 196 35.81 -13.17 -9.71
C THR B 196 35.71 -12.33 -8.46
N VAL B 197 34.73 -12.56 -7.57
CA VAL B 197 34.63 -11.70 -6.41
C VAL B 197 35.60 -12.05 -5.28
N GLY B 198 36.09 -13.29 -5.22
CA GLY B 198 37.22 -13.56 -4.35
C GLY B 198 38.32 -12.54 -4.51
N ALA B 199 38.64 -12.22 -5.78
CA ALA B 199 39.64 -11.19 -6.04
C ALA B 199 39.11 -9.80 -5.68
N GLY B 200 37.81 -9.57 -5.86
CA GLY B 200 37.24 -8.29 -5.44
C GLY B 200 37.47 -8.03 -3.97
N SER B 201 37.07 -8.99 -3.12
CA SER B 201 37.23 -8.83 -1.68
C SER B 201 38.70 -8.85 -1.28
N LEU B 202 39.53 -9.56 -2.04
CA LEU B 202 40.97 -9.58 -1.72
C LEU B 202 41.59 -8.19 -1.92
N VAL B 203 41.19 -7.49 -2.98
CA VAL B 203 41.70 -6.14 -3.21
C VAL B 203 41.27 -5.21 -2.09
N ASP B 204 40.14 -5.50 -1.43
CA ASP B 204 39.65 -4.63 -0.37
C ASP B 204 40.61 -4.62 0.81
N VAL B 205 40.95 -5.79 1.34
CA VAL B 205 41.83 -5.88 2.50
C VAL B 205 43.29 -6.02 2.10
N LEU B 206 43.60 -6.02 0.81
CA LEU B 206 44.98 -5.97 0.33
C LEU B 206 45.06 -4.99 -0.84
N PRO B 207 44.74 -3.71 -0.60
CA PRO B 207 44.67 -2.77 -1.72
C PRO B 207 45.98 -2.61 -2.47
N TRP B 208 47.11 -2.94 -1.85
CA TRP B 208 48.39 -2.84 -2.55
C TRP B 208 48.49 -3.82 -3.72
N LEU B 209 47.56 -4.77 -3.83
CA LEU B 209 47.54 -5.67 -4.98
C LEU B 209 47.19 -4.95 -6.27
N GLN B 210 46.74 -3.69 -6.21
CA GLN B 210 46.48 -2.90 -7.41
C GLN B 210 47.73 -2.20 -7.91
N ARG B 211 48.86 -2.37 -7.24
CA ARG B 211 50.07 -1.63 -7.57
C ARG B 211 50.96 -2.33 -8.60
N PHE B 212 50.85 -3.64 -8.74
CA PHE B 212 51.67 -4.41 -9.66
C PHE B 212 50.82 -5.49 -10.31
N PRO B 213 51.23 -5.99 -11.47
CA PRO B 213 50.39 -6.97 -12.19
C PRO B 213 50.46 -8.34 -11.54
N ASN B 214 49.29 -8.88 -11.21
CA ASN B 214 49.16 -10.19 -10.59
C ASN B 214 47.78 -10.72 -10.93
N PRO B 215 47.55 -12.03 -10.80
CA PRO B 215 46.25 -12.59 -11.17
C PRO B 215 45.07 -12.00 -10.41
N VAL B 216 45.30 -11.45 -9.22
CA VAL B 216 44.17 -10.91 -8.45
C VAL B 216 43.68 -9.60 -9.07
N ARG B 217 44.60 -8.71 -9.46
CA ARG B 217 44.18 -7.45 -10.05
C ARG B 217 43.43 -7.67 -11.36
N THR B 218 43.98 -8.51 -12.23
CA THR B 218 43.32 -8.76 -13.51
C THR B 218 41.94 -9.37 -13.30
N ALA B 219 41.77 -10.20 -12.27
CA ALA B 219 40.45 -10.72 -11.96
C ALA B 219 39.55 -9.62 -11.41
N PHE B 220 40.13 -8.71 -10.60
CA PHE B 220 39.37 -7.59 -10.07
C PHE B 220 39.02 -6.58 -11.17
N ARG B 221 39.90 -6.42 -12.16
CA ARG B 221 39.55 -5.58 -13.31
C ARG B 221 38.43 -6.22 -14.13
N ASP B 222 38.42 -7.55 -14.21
CA ASP B 222 37.31 -8.23 -14.89
C ASP B 222 36.02 -8.14 -14.07
N PHE B 223 36.14 -8.29 -12.75
CA PHE B 223 34.95 -8.22 -11.90
C PHE B 223 34.21 -6.91 -12.10
N GLN B 224 34.94 -5.80 -12.16
CA GLN B 224 34.29 -4.50 -12.20
C GLN B 224 33.73 -4.19 -13.59
N GLN B 225 34.39 -4.66 -14.65
CA GLN B 225 33.82 -4.48 -15.99
C GLN B 225 32.58 -5.35 -16.18
N LEU B 226 32.52 -6.49 -15.49
CA LEU B 226 31.30 -7.28 -15.49
C LEU B 226 30.12 -6.46 -14.97
N ASN B 227 30.31 -5.77 -13.85
CA ASN B 227 29.21 -5.04 -13.23
C ASN B 227 28.70 -3.95 -14.16
N ARG B 228 29.61 -3.31 -14.89
CA ARG B 228 29.22 -2.35 -15.91
C ARG B 228 28.42 -3.01 -17.01
N ASP B 229 28.95 -4.08 -17.57
CA ASP B 229 28.23 -4.83 -18.59
C ASP B 229 26.85 -5.20 -18.08
N PHE B 230 26.76 -5.66 -16.84
CA PHE B 230 25.46 -6.06 -16.31
C PHE B 230 24.59 -4.84 -16.01
N TYR B 231 25.17 -3.80 -15.42
CA TYR B 231 24.39 -2.59 -15.17
C TYR B 231 23.86 -2.01 -16.47
N SER B 232 24.69 -1.99 -17.52
CA SER B 232 24.22 -1.55 -18.83
C SER B 232 23.01 -2.39 -19.26
N PHE B 233 23.04 -3.70 -18.98
CA PHE B 233 21.92 -4.55 -19.34
C PHE B 233 20.65 -4.10 -18.64
N VAL B 234 20.71 -3.93 -17.32
CA VAL B 234 19.53 -3.49 -16.57
C VAL B 234 19.17 -2.05 -16.94
N LEU B 235 20.16 -1.24 -17.30
CA LEU B 235 19.87 0.11 -17.79
C LEU B 235 19.05 0.06 -19.06
N ASP B 236 19.41 -0.85 -19.98
CA ASP B 236 18.64 -1.00 -21.21
C ASP B 236 17.19 -1.39 -20.91
N LYS B 237 17.00 -2.44 -20.11
CA LYS B 237 15.65 -2.89 -19.79
C LYS B 237 14.86 -1.80 -19.09
N PHE B 238 15.52 -0.95 -18.30
CA PHE B 238 14.84 0.16 -17.65
C PHE B 238 14.26 1.11 -18.68
N LEU B 239 15.11 1.64 -19.56
CA LEU B 239 14.66 2.54 -20.62
C LEU B 239 13.52 1.91 -21.42
N ARG B 240 13.65 0.63 -21.76
CA ARG B 240 12.61 -0.05 -22.53
C ARG B 240 11.29 -0.04 -21.76
N HIS B 241 11.34 -0.32 -20.46
CA HIS B 241 10.11 -0.36 -19.68
C HIS B 241 9.43 1.00 -19.60
N ARG B 242 10.22 2.06 -19.36
CA ARG B 242 9.63 3.39 -19.22
C ARG B 242 8.95 3.83 -20.51
N SER B 243 9.60 3.62 -21.65
CA SER B 243 9.00 3.98 -22.93
C SER B 243 7.77 3.16 -23.28
N SER B 244 7.44 2.15 -22.46
CA SER B 244 6.38 1.20 -22.81
C SER B 244 5.24 1.13 -21.80
N LEU B 245 5.33 1.82 -20.67
CA LEU B 245 4.38 1.64 -19.58
C LEU B 245 3.26 2.67 -19.68
N ARG B 246 2.05 2.19 -19.94
CA ARG B 246 0.88 3.06 -19.91
C ARG B 246 0.69 3.62 -18.49
N PRO B 247 0.23 4.86 -18.35
CA PRO B 247 0.25 5.49 -17.01
C PRO B 247 -0.69 4.82 -16.02
N GLY B 248 -1.83 4.29 -16.46
CA GLY B 248 -2.74 3.59 -15.58
C GLY B 248 -2.53 2.10 -15.48
N ALA B 249 -1.54 1.56 -16.18
CA ALA B 249 -1.32 0.13 -16.20
C ALA B 249 -0.64 -0.35 -14.92
N ALA B 250 -1.07 -1.51 -14.44
CA ALA B 250 -0.45 -2.12 -13.27
C ALA B 250 0.93 -2.65 -13.63
N PRO B 251 1.81 -2.83 -12.65
CA PRO B 251 3.21 -3.19 -12.96
C PRO B 251 3.30 -4.62 -13.48
N ARG B 252 3.79 -4.77 -14.70
CA ARG B 252 4.06 -6.11 -15.24
C ARG B 252 5.11 -6.82 -14.40
N ASP B 253 6.02 -6.06 -13.78
CA ASP B 253 7.15 -6.63 -13.06
C ASP B 253 7.59 -5.63 -12.01
N MET B 254 8.70 -5.94 -11.34
CA MET B 254 9.24 -5.04 -10.32
C MET B 254 9.93 -3.83 -10.94
N MET B 255 10.28 -3.89 -12.23
CA MET B 255 10.83 -2.71 -12.89
C MET B 255 9.77 -1.64 -13.05
N ASP B 256 8.52 -2.04 -13.33
CA ASP B 256 7.43 -1.08 -13.40
C ASP B 256 7.07 -0.55 -12.02
N ALA B 257 7.13 -1.41 -11.00
CA ALA B 257 6.78 -0.98 -9.65
C ALA B 257 7.74 0.08 -9.14
N PHE B 258 9.02 -0.04 -9.48
CA PHE B 258 10.01 0.95 -9.06
C PHE B 258 9.87 2.25 -9.85
N ILE B 259 9.53 2.14 -11.14
CA ILE B 259 9.31 3.32 -11.96
C ILE B 259 8.19 4.17 -11.37
N HIS B 260 7.16 3.53 -10.85
CA HIS B 260 5.98 4.26 -10.40
C HIS B 260 6.30 5.23 -9.27
N THR B 261 7.27 4.90 -8.41
CA THR B 261 7.62 5.78 -7.31
C THR B 261 8.35 7.03 -7.82
N GLY B 274 11.55 14.52 2.65
CA GLY B 274 12.86 13.90 2.58
C GLY B 274 13.58 14.20 1.27
N PRO B 275 14.89 13.87 1.20
CA PRO B 275 15.65 14.16 -0.02
C PRO B 275 15.10 13.45 -1.24
N ARG B 276 15.72 13.68 -2.40
CA ARG B 276 15.31 13.08 -3.66
C ARG B 276 16.46 12.28 -4.26
N LEU B 277 16.11 11.33 -5.11
CA LEU B 277 17.07 10.43 -5.72
C LEU B 277 17.34 10.81 -7.17
N ASP B 278 18.52 10.43 -7.66
CA ASP B 278 18.78 10.46 -9.09
C ASP B 278 17.95 9.38 -9.77
N LEU B 279 17.54 9.65 -11.01
CA LEU B 279 16.68 8.70 -11.71
C LEU B 279 17.33 7.32 -11.82
N GLU B 280 18.66 7.25 -11.84
CA GLU B 280 19.35 5.98 -11.98
C GLU B 280 19.22 5.08 -10.75
N TYR B 281 18.70 5.59 -9.63
CA TYR B 281 18.51 4.73 -8.47
C TYR B 281 17.51 3.61 -8.75
N VAL B 282 16.66 3.77 -9.76
CA VAL B 282 15.74 2.71 -10.15
C VAL B 282 16.57 1.53 -10.64
N PRO B 283 17.21 1.59 -11.81
CA PRO B 283 17.92 0.40 -12.31
C PRO B 283 19.01 -0.11 -11.40
N ALA B 284 19.54 0.73 -10.50
CA ALA B 284 20.60 0.28 -9.61
C ALA B 284 20.05 -0.68 -8.55
N THR B 285 18.88 -0.39 -8.00
CA THR B 285 18.30 -1.29 -7.01
C THR B 285 17.79 -2.56 -7.65
N VAL B 286 17.31 -2.49 -8.89
CA VAL B 286 16.89 -3.71 -9.58
C VAL B 286 18.11 -4.59 -9.86
N THR B 287 19.26 -3.97 -10.15
CA THR B 287 20.50 -4.73 -10.25
C THR B 287 20.82 -5.43 -8.93
N ASP B 288 20.62 -4.73 -7.81
CA ASP B 288 20.86 -5.33 -6.51
C ASP B 288 19.86 -6.46 -6.23
N ILE B 289 18.59 -6.24 -6.56
CA ILE B 289 17.56 -7.24 -6.27
C ILE B 289 17.86 -8.52 -7.04
N PHE B 290 18.16 -8.41 -8.33
CA PHE B 290 18.39 -9.60 -9.14
C PHE B 290 19.63 -10.35 -8.64
N GLY B 291 20.74 -9.64 -8.47
CA GLY B 291 22.00 -10.30 -8.15
C GLY B 291 22.01 -10.92 -6.77
N ALA B 292 21.62 -10.14 -5.75
CA ALA B 292 21.60 -10.64 -4.39
C ALA B 292 20.66 -11.82 -4.22
N SER B 293 19.82 -12.11 -5.22
CA SER B 293 18.82 -13.16 -5.12
C SER B 293 19.26 -14.49 -5.72
N GLN B 294 20.38 -14.52 -6.42
CA GLN B 294 20.73 -15.68 -7.24
C GLN B 294 21.45 -16.76 -6.46
N ASP B 295 22.64 -16.45 -5.95
CA ASP B 295 23.39 -17.46 -5.20
C ASP B 295 22.67 -17.86 -3.91
N THR B 296 21.93 -16.93 -3.32
CA THR B 296 21.24 -17.24 -2.07
C THR B 296 20.14 -18.28 -2.28
N LEU B 297 19.23 -18.02 -3.23
CA LEU B 297 18.10 -18.94 -3.42
C LEU B 297 18.54 -20.26 -4.02
N SER B 298 19.48 -20.23 -4.97
CA SER B 298 20.02 -21.48 -5.52
C SER B 298 20.52 -22.38 -4.40
N THR B 299 21.32 -21.82 -3.49
CA THR B 299 21.80 -22.61 -2.35
C THR B 299 20.65 -23.13 -1.50
N ALA B 300 19.64 -22.29 -1.28
CA ALA B 300 18.48 -22.71 -0.50
C ALA B 300 17.85 -23.97 -1.08
N LEU B 301 17.55 -23.96 -2.38
CA LEU B 301 16.94 -25.13 -3.01
C LEU B 301 17.85 -26.35 -2.86
N GLN B 302 19.15 -26.19 -3.16
CA GLN B 302 20.07 -27.30 -3.04
C GLN B 302 20.03 -27.91 -1.64
N TRP B 303 19.88 -27.07 -0.62
CA TRP B 303 19.78 -27.58 0.75
C TRP B 303 18.45 -28.27 0.97
N LEU B 304 17.34 -27.62 0.59
CA LEU B 304 16.03 -28.23 0.77
C LEU B 304 15.93 -29.57 0.06
N LEU B 305 16.72 -29.78 -0.99
CA LEU B 305 16.58 -30.99 -1.79
C LEU B 305 17.36 -32.15 -1.20
N ILE B 306 18.62 -31.94 -0.81
CA ILE B 306 19.35 -33.04 -0.20
C ILE B 306 18.78 -33.34 1.19
N LEU B 307 18.21 -32.35 1.87
CA LEU B 307 17.59 -32.60 3.16
C LEU B 307 16.39 -33.54 3.02
N PHE B 308 15.64 -33.44 1.92
CA PHE B 308 14.56 -34.39 1.67
C PHE B 308 15.10 -35.82 1.56
N THR B 309 16.32 -35.97 1.03
CA THR B 309 16.85 -37.29 0.74
C THR B 309 17.61 -37.91 1.91
N ARG B 310 18.24 -37.09 2.76
CA ARG B 310 18.95 -37.62 3.92
C ARG B 310 18.06 -37.73 5.16
N TYR B 311 16.85 -37.18 5.11
CA TYR B 311 15.88 -37.27 6.21
C TYR B 311 14.52 -37.63 5.65
N PRO B 312 14.35 -38.89 5.22
CA PRO B 312 13.07 -39.28 4.61
C PRO B 312 11.88 -39.14 5.54
N GLU B 313 12.09 -39.17 6.85
CA GLU B 313 10.97 -39.04 7.78
C GLU B 313 10.28 -37.70 7.61
N VAL B 314 11.04 -36.60 7.69
CA VAL B 314 10.44 -35.27 7.58
C VAL B 314 9.81 -35.07 6.22
N GLN B 315 10.44 -35.60 5.17
CA GLN B 315 9.85 -35.55 3.84
C GLN B 315 8.44 -36.12 3.87
N ALA B 316 8.32 -37.38 4.32
CA ALA B 316 7.01 -38.01 4.45
C ALA B 316 6.04 -37.11 5.21
N ARG B 317 6.48 -36.57 6.36
CA ARG B 317 5.62 -35.69 7.13
C ARG B 317 5.25 -34.43 6.36
N VAL B 318 6.10 -34.01 5.43
CA VAL B 318 5.83 -32.80 4.66
C VAL B 318 4.92 -33.09 3.48
N GLN B 319 5.11 -34.23 2.80
CA GLN B 319 4.30 -34.54 1.64
C GLN B 319 2.84 -34.70 2.04
N GLU B 320 2.54 -35.69 2.88
CA GLU B 320 1.17 -36.02 3.19
C GLU B 320 0.50 -35.00 4.10
N GLU B 321 1.24 -34.02 4.62
CA GLU B 321 0.59 -32.84 5.17
C GLU B 321 0.10 -31.92 4.05
N LEU B 322 0.86 -31.83 2.97
CA LEU B 322 0.38 -31.13 1.79
C LEU B 322 -0.82 -31.84 1.16
N ASP B 323 -0.97 -33.14 1.41
CA ASP B 323 -2.13 -33.86 0.89
C ASP B 323 -3.38 -33.52 1.68
N ARG B 324 -3.29 -33.51 3.01
CA ARG B 324 -4.45 -33.17 3.84
C ARG B 324 -4.94 -31.76 3.55
N VAL B 325 -4.00 -30.83 3.32
CA VAL B 325 -4.35 -29.42 3.24
C VAL B 325 -4.61 -28.94 1.82
N VAL B 326 -4.11 -29.64 0.80
CA VAL B 326 -4.22 -29.19 -0.57
C VAL B 326 -4.85 -30.29 -1.42
N GLY B 327 -5.05 -31.46 -0.83
CA GLY B 327 -5.54 -32.58 -1.61
C GLY B 327 -4.50 -33.00 -2.65
N ARG B 328 -5.00 -33.56 -3.77
CA ARG B 328 -4.13 -33.93 -4.87
C ARG B 328 -4.74 -33.60 -6.23
N ASP B 329 -5.75 -32.73 -6.25
CA ASP B 329 -6.38 -32.30 -7.49
C ASP B 329 -5.79 -31.01 -8.04
N ARG B 330 -5.01 -30.29 -7.24
CA ARG B 330 -4.42 -29.03 -7.66
C ARG B 330 -3.06 -28.86 -7.02
N LEU B 331 -2.29 -27.94 -7.56
CA LEU B 331 -0.96 -27.68 -7.03
C LEU B 331 -1.02 -26.65 -5.92
N PRO B 332 -0.14 -26.73 -4.92
CA PRO B 332 -0.19 -25.74 -3.82
C PRO B 332 -0.06 -24.32 -4.36
N CYS B 333 -0.39 -23.38 -3.48
CA CYS B 333 -0.33 -21.96 -3.84
C CYS B 333 -0.21 -21.15 -2.56
N MET B 334 -0.02 -19.83 -2.75
CA MET B 334 0.23 -18.96 -1.61
C MET B 334 -0.89 -19.03 -0.57
N ASP B 335 -2.13 -19.22 -1.02
CA ASP B 335 -3.24 -19.25 -0.08
C ASP B 335 -3.14 -20.42 0.90
N ASP B 336 -2.36 -21.44 0.57
CA ASP B 336 -2.19 -22.58 1.46
C ASP B 336 -1.14 -22.37 2.53
N GLN B 337 -0.28 -21.35 2.38
CA GLN B 337 0.82 -21.13 3.32
C GLN B 337 0.40 -21.20 4.78
N PRO B 338 -0.65 -20.51 5.23
CA PRO B 338 -0.97 -20.54 6.67
C PRO B 338 -1.43 -21.91 7.14
N HIS B 339 -2.08 -22.70 6.29
CA HIS B 339 -2.54 -24.03 6.65
C HIS B 339 -1.45 -25.09 6.53
N LEU B 340 -0.19 -24.69 6.39
CA LEU B 340 0.94 -25.62 6.24
C LEU B 340 1.97 -25.30 7.31
N PRO B 341 1.65 -25.57 8.59
CA PRO B 341 2.58 -25.19 9.66
C PRO B 341 3.87 -25.99 9.66
N TYR B 342 3.89 -27.18 9.07
CA TYR B 342 5.08 -28.03 9.11
C TYR B 342 6.05 -27.74 7.97
N VAL B 343 5.54 -27.45 6.77
CA VAL B 343 6.42 -27.17 5.64
C VAL B 343 7.31 -25.97 5.97
N MET B 344 6.78 -24.98 6.68
CA MET B 344 7.58 -23.81 7.04
C MET B 344 8.60 -24.16 8.11
N ALA B 345 8.24 -25.06 9.04
CA ALA B 345 9.20 -25.51 10.03
C ALA B 345 10.37 -26.22 9.37
N PHE B 346 10.08 -27.10 8.41
CA PHE B 346 11.15 -27.70 7.60
C PHE B 346 12.02 -26.61 6.98
N LEU B 347 11.40 -25.56 6.44
CA LEU B 347 12.15 -24.49 5.82
C LEU B 347 12.84 -23.62 6.86
N TYR B 348 12.19 -23.41 8.01
CA TYR B 348 12.77 -22.52 9.01
C TYR B 348 14.03 -23.12 9.63
N GLU B 349 14.07 -24.44 9.82
CA GLU B 349 15.28 -25.05 10.36
C GLU B 349 16.26 -25.43 9.28
N ALA B 350 15.79 -25.73 8.07
CA ALA B 350 16.71 -25.85 6.95
C ALA B 350 17.66 -24.65 6.91
N MET B 351 17.13 -23.46 7.15
CA MET B 351 17.96 -22.26 7.18
C MET B 351 18.80 -22.21 8.46
N ARG B 352 18.24 -22.67 9.57
CA ARG B 352 19.00 -22.68 10.82
C ARG B 352 20.14 -23.69 10.74
N PHE B 353 19.84 -24.91 10.32
CA PHE B 353 20.86 -25.96 10.30
C PHE B 353 22.01 -25.59 9.37
N SER B 354 21.70 -25.05 8.20
CA SER B 354 22.73 -24.76 7.22
C SER B 354 23.39 -23.42 7.46
N SER B 355 22.59 -22.36 7.59
CA SER B 355 23.10 -21.00 7.72
C SER B 355 24.04 -20.69 6.55
N PHE B 356 23.57 -20.99 5.34
CA PHE B 356 24.42 -20.88 4.15
C PHE B 356 24.90 -19.45 3.90
N VAL B 357 24.34 -18.47 4.60
CA VAL B 357 24.96 -17.14 4.68
C VAL B 357 25.52 -17.03 6.08
N PRO B 358 26.63 -17.70 6.39
CA PRO B 358 27.16 -17.62 7.77
C PRO B 358 27.56 -16.22 8.19
N VAL B 359 27.81 -15.31 7.26
CA VAL B 359 28.23 -13.96 7.61
C VAL B 359 27.48 -12.96 6.74
N THR B 360 27.17 -11.81 7.33
CA THR B 360 26.47 -10.75 6.63
C THR B 360 27.35 -10.11 5.58
N ILE B 361 26.76 -9.18 4.82
CA ILE B 361 27.61 -8.21 4.13
C ILE B 361 28.35 -7.41 5.20
N PRO B 362 29.64 -7.13 5.04
CA PRO B 362 30.35 -6.40 6.10
C PRO B 362 29.63 -5.11 6.46
N HIS B 363 29.59 -4.83 7.77
CA HIS B 363 29.02 -3.60 8.29
C HIS B 363 30.12 -2.59 8.58
N ALA B 364 29.72 -1.32 8.71
CA ALA B 364 30.65 -0.26 9.08
C ALA B 364 29.94 0.69 10.06
N THR B 365 30.71 1.22 11.00
CA THR B 365 30.14 2.04 12.06
C THR B 365 29.88 3.46 11.58
N THR B 366 28.64 3.92 11.76
CA THR B 366 28.28 5.27 11.35
C THR B 366 28.90 6.32 12.28
N ALA B 367 29.08 5.99 13.54
CA ALA B 367 29.59 6.95 14.52
C ALA B 367 30.22 6.20 15.68
N ASP B 368 30.99 6.94 16.48
CA ASP B 368 31.53 6.39 17.72
C ASP B 368 30.40 5.78 18.55
N THR B 369 30.63 4.56 19.02
CA THR B 369 29.62 3.83 19.80
C THR B 369 30.35 2.71 20.55
N SER B 370 29.59 1.74 21.05
CA SER B 370 30.22 0.58 21.67
C SER B 370 29.19 -0.48 21.99
N ILE B 371 29.68 -1.69 22.24
CA ILE B 371 28.87 -2.84 22.61
C ILE B 371 29.62 -3.61 23.68
N MET B 372 28.89 -4.14 24.66
CA MET B 372 29.45 -5.02 25.68
C MET B 372 30.67 -4.41 26.36
N GLY B 373 30.63 -3.09 26.55
CA GLY B 373 31.69 -2.42 27.28
C GLY B 373 32.97 -2.20 26.52
N TYR B 374 32.91 -2.16 25.18
CA TYR B 374 34.09 -1.99 24.34
C TYR B 374 33.87 -0.78 23.45
N HIS B 375 34.67 0.27 23.65
CA HIS B 375 34.63 1.42 22.76
C HIS B 375 34.89 0.98 21.32
N ILE B 376 34.08 1.46 20.40
CA ILE B 376 34.24 1.15 18.98
C ILE B 376 34.24 2.46 18.19
N PRO B 377 35.39 2.91 17.67
CA PRO B 377 35.42 4.18 16.95
C PRO B 377 34.63 4.12 15.66
N LYS B 378 34.31 5.30 15.13
CA LYS B 378 33.54 5.37 13.89
C LYS B 378 34.40 4.92 12.71
N ASP B 379 33.70 4.52 11.63
CA ASP B 379 34.35 4.09 10.40
C ASP B 379 35.18 2.83 10.61
N THR B 380 34.67 1.91 11.43
CA THR B 380 35.31 0.62 11.67
C THR B 380 34.52 -0.48 11.00
N VAL B 381 35.22 -1.47 10.45
CA VAL B 381 34.57 -2.57 9.74
C VAL B 381 34.09 -3.60 10.75
N VAL B 382 32.86 -4.07 10.56
CA VAL B 382 32.20 -4.97 11.50
C VAL B 382 31.68 -6.19 10.73
N PHE B 383 32.20 -7.35 11.06
CA PHE B 383 31.63 -8.61 10.60
C PHE B 383 30.55 -9.04 11.58
N VAL B 384 29.62 -9.85 11.06
CA VAL B 384 28.47 -10.32 11.83
C VAL B 384 28.33 -11.81 11.52
N ASN B 385 28.46 -12.64 12.54
CA ASN B 385 28.50 -14.09 12.38
C ASN B 385 27.12 -14.67 12.66
N GLN B 386 26.27 -14.70 11.63
CA GLN B 386 24.95 -15.30 11.77
C GLN B 386 25.03 -16.77 12.16
N TRP B 387 26.06 -17.48 11.68
CA TRP B 387 26.21 -18.88 12.04
C TRP B 387 26.36 -19.07 13.54
N SER B 388 26.98 -18.11 14.21
CA SER B 388 27.16 -18.18 15.66
C SER B 388 25.81 -18.29 16.37
N VAL B 389 24.80 -17.61 15.85
CA VAL B 389 23.49 -17.59 16.50
C VAL B 389 22.77 -18.91 16.32
N ASN B 390 22.64 -19.35 15.06
CA ASN B 390 21.85 -20.53 14.76
C ASN B 390 22.49 -21.83 15.22
N HIS B 391 23.68 -21.77 15.82
CA HIS B 391 24.38 -23.00 16.20
C HIS B 391 24.96 -22.94 17.61
N ASP B 392 24.62 -21.95 18.42
CA ASP B 392 25.09 -21.91 19.80
C ASP B 392 24.23 -22.85 20.63
N PRO B 393 24.81 -23.85 21.30
CA PRO B 393 23.98 -24.89 21.95
C PRO B 393 23.16 -24.36 23.11
N VAL B 394 23.45 -23.16 23.60
CA VAL B 394 22.63 -22.59 24.66
C VAL B 394 21.22 -22.30 24.15
N LYS B 395 21.12 -21.72 22.95
CA LYS B 395 19.82 -21.35 22.41
C LYS B 395 19.14 -22.52 21.72
N TRP B 396 19.90 -23.32 20.99
CA TRP B 396 19.36 -24.49 20.28
C TRP B 396 19.96 -25.76 20.89
N PRO B 397 19.18 -26.56 21.62
CA PRO B 397 19.76 -27.68 22.39
C PRO B 397 20.83 -28.47 21.65
N ASN B 398 20.46 -29.17 20.58
CA ASN B 398 21.40 -29.92 19.77
C ASN B 398 21.54 -29.22 18.42
N PRO B 399 22.49 -28.30 18.26
CA PRO B 399 22.46 -27.44 17.07
C PRO B 399 22.72 -28.21 15.77
N GLU B 400 23.69 -29.12 15.77
CA GLU B 400 24.03 -29.87 14.56
C GLU B 400 23.07 -31.02 14.29
N ASP B 401 21.89 -31.01 14.92
CA ASP B 401 20.83 -31.98 14.65
C ASP B 401 19.68 -31.28 13.95
N PHE B 402 19.13 -31.92 12.92
CA PHE B 402 18.04 -31.35 12.13
C PHE B 402 16.72 -31.92 12.64
N ASN B 403 15.89 -31.05 13.21
CA ASN B 403 14.57 -31.45 13.70
C ASN B 403 13.62 -30.27 13.52
N PRO B 404 12.89 -30.24 12.41
CA PRO B 404 11.93 -29.13 12.19
C PRO B 404 10.98 -28.88 13.33
N ALA B 405 10.66 -29.90 14.14
CA ALA B 405 9.70 -29.72 15.21
C ALA B 405 10.10 -28.65 16.22
N ARG B 406 11.35 -28.17 16.18
CA ARG B 406 11.78 -27.12 17.09
C ARG B 406 10.85 -25.92 17.05
N PHE B 407 10.24 -25.66 15.90
CA PHE B 407 9.44 -24.46 15.67
C PHE B 407 7.95 -24.70 15.86
N LEU B 408 7.55 -25.92 16.16
CA LEU B 408 6.15 -26.26 16.36
C LEU B 408 5.81 -26.22 17.84
N ASP B 409 4.82 -25.41 18.21
CA ASP B 409 4.20 -25.56 19.52
C ASP B 409 3.37 -26.84 19.52
N LYS B 410 2.97 -27.28 20.71
CA LYS B 410 2.28 -28.56 20.80
C LYS B 410 0.89 -28.54 20.19
N ASN B 411 0.42 -27.38 19.71
CA ASN B 411 -0.73 -27.34 18.82
C ASN B 411 -0.38 -27.82 17.43
N GLY B 412 0.90 -28.11 17.15
CA GLY B 412 1.33 -28.42 15.81
C GLY B 412 1.44 -27.21 14.91
N PHE B 413 1.54 -26.01 15.49
CA PHE B 413 1.57 -24.78 14.73
C PHE B 413 2.90 -24.06 14.94
N ILE B 414 3.22 -23.17 14.00
CA ILE B 414 4.49 -22.47 14.02
C ILE B 414 4.56 -21.56 15.24
N ASN B 415 5.69 -21.62 15.95
CA ASN B 415 5.96 -20.71 17.06
C ASN B 415 6.66 -19.48 16.49
N LYS B 416 5.86 -18.48 16.10
CA LYS B 416 6.39 -17.29 15.45
C LYS B 416 7.54 -16.66 16.23
N ASP B 417 7.56 -16.83 17.55
CA ASP B 417 8.65 -16.26 18.35
C ASP B 417 9.99 -16.87 17.96
N LEU B 418 10.05 -18.19 17.84
CA LEU B 418 11.30 -18.85 17.47
C LEU B 418 11.64 -18.68 15.99
N ALA B 419 10.62 -18.64 15.12
CA ALA B 419 10.87 -18.42 13.71
C ALA B 419 11.60 -17.09 13.47
N SER B 420 11.13 -16.03 14.13
CA SER B 420 11.79 -14.73 14.00
C SER B 420 13.23 -14.77 14.48
N SER B 421 13.56 -15.71 15.35
CA SER B 421 14.88 -15.76 15.97
C SER B 421 15.92 -16.49 15.13
N VAL B 422 15.53 -17.09 14.01
CA VAL B 422 16.52 -17.64 13.09
C VAL B 422 17.20 -16.48 12.36
N MET B 423 18.53 -16.44 12.42
CA MET B 423 19.31 -15.36 11.83
C MET B 423 19.99 -15.89 10.57
N ILE B 424 19.33 -15.72 9.44
CA ILE B 424 19.86 -16.08 8.13
C ILE B 424 19.78 -14.82 7.28
N PHE B 425 18.62 -14.15 7.31
CA PHE B 425 18.54 -12.74 6.96
C PHE B 425 18.91 -11.94 8.22
N SER B 426 19.66 -10.86 8.04
CA SER B 426 20.21 -10.17 9.20
C SER B 426 19.10 -9.50 10.02
N VAL B 427 19.47 -8.48 10.79
CA VAL B 427 18.53 -7.70 11.58
C VAL B 427 18.96 -6.24 11.51
N GLY B 428 18.21 -5.38 12.18
CA GLY B 428 18.55 -3.97 12.19
C GLY B 428 18.09 -3.29 10.91
N LYS B 429 18.86 -2.30 10.47
CA LYS B 429 18.48 -1.49 9.33
C LYS B 429 18.97 -2.05 8.00
N ARG B 430 19.84 -3.07 8.02
CA ARG B 430 20.37 -3.66 6.79
C ARG B 430 19.85 -5.08 6.57
N ARG B 431 18.65 -5.37 7.05
CA ARG B 431 18.07 -6.68 6.82
C ARG B 431 17.93 -6.93 5.31
N CYS B 432 17.80 -8.20 4.96
CA CYS B 432 17.41 -8.53 3.60
C CYS B 432 16.04 -7.95 3.30
N ILE B 433 15.97 -7.06 2.31
CA ILE B 433 14.69 -6.48 1.90
C ILE B 433 13.86 -7.50 1.13
N GLY B 434 14.39 -8.69 0.93
CA GLY B 434 13.65 -9.76 0.31
C GLY B 434 13.46 -10.94 1.23
N GLU B 435 13.60 -10.71 2.54
CA GLU B 435 13.39 -11.78 3.51
C GLU B 435 12.01 -12.40 3.35
N GLU B 436 11.00 -11.58 3.05
CA GLU B 436 9.64 -12.08 3.00
C GLU B 436 9.33 -12.75 1.67
N LEU B 437 9.90 -12.24 0.57
CA LEU B 437 9.68 -12.86 -0.73
C LEU B 437 10.44 -14.17 -0.85
N SER B 438 11.59 -14.29 -0.19
CA SER B 438 12.40 -15.50 -0.31
C SER B 438 11.73 -16.68 0.39
N LYS B 439 11.19 -16.46 1.59
CA LYS B 439 10.51 -17.57 2.27
C LYS B 439 9.17 -17.88 1.62
N MET B 440 8.56 -16.93 0.92
CA MET B 440 7.36 -17.24 0.14
C MET B 440 7.73 -17.92 -1.18
N GLN B 441 8.81 -17.43 -1.83
CA GLN B 441 9.25 -18.06 -3.08
C GLN B 441 9.80 -19.45 -2.84
N LEU B 442 10.53 -19.65 -1.74
CA LEU B 442 11.00 -20.99 -1.40
C LEU B 442 9.84 -21.89 -1.01
N PHE B 443 8.97 -21.41 -0.11
CA PHE B 443 7.78 -22.17 0.28
C PHE B 443 7.06 -22.73 -0.94
N LEU B 444 6.80 -21.88 -1.93
CA LEU B 444 6.09 -22.34 -3.12
C LEU B 444 6.87 -23.43 -3.83
N PHE B 445 8.20 -23.27 -3.92
CA PHE B 445 9.02 -24.27 -4.59
C PHE B 445 8.93 -25.62 -3.89
N ILE B 446 9.27 -25.66 -2.60
CA ILE B 446 9.27 -26.93 -1.88
C ILE B 446 7.84 -27.49 -1.74
N SER B 447 6.82 -26.65 -1.88
CA SER B 447 5.46 -27.15 -1.89
C SER B 447 5.16 -27.89 -3.18
N ILE B 448 5.37 -27.23 -4.32
CA ILE B 448 5.13 -27.86 -5.62
C ILE B 448 5.98 -29.11 -5.77
N LEU B 449 7.22 -29.06 -5.29
CA LEU B 449 8.13 -30.20 -5.46
C LEU B 449 7.72 -31.36 -4.57
N ALA B 450 7.52 -31.11 -3.27
CA ALA B 450 7.09 -32.17 -2.37
C ALA B 450 5.68 -32.65 -2.70
N HIS B 451 4.83 -31.77 -3.22
CA HIS B 451 3.47 -32.17 -3.57
C HIS B 451 3.45 -33.16 -4.72
N GLN B 452 4.41 -33.07 -5.63
CA GLN B 452 4.40 -33.86 -6.85
C GLN B 452 5.30 -35.09 -6.79
N CYS B 453 6.46 -35.01 -6.16
CA CYS B 453 7.50 -36.00 -6.32
C CYS B 453 8.03 -36.50 -4.99
N ASN B 454 8.71 -37.64 -5.05
CA ASN B 454 9.51 -38.17 -3.95
C ASN B 454 10.98 -38.06 -4.32
N PHE B 455 11.82 -37.69 -3.36
CA PHE B 455 13.24 -37.49 -3.58
C PHE B 455 14.01 -38.54 -2.81
N ARG B 456 14.83 -39.32 -3.52
CA ARG B 456 15.60 -40.41 -2.93
C ARG B 456 17.08 -40.20 -3.20
N ALA B 457 17.89 -40.37 -2.16
CA ALA B 457 19.34 -40.23 -2.29
C ALA B 457 19.93 -41.37 -3.12
N ASN B 458 21.24 -41.24 -3.40
CA ASN B 458 21.97 -42.27 -4.15
C ASN B 458 22.64 -43.23 -3.18
N PRO B 459 22.40 -44.55 -3.30
CA PRO B 459 23.04 -45.48 -2.36
C PRO B 459 24.55 -45.54 -2.51
N ASP B 460 25.07 -45.29 -3.71
CA ASP B 460 26.51 -45.30 -3.96
C ASP B 460 27.23 -44.12 -3.32
N GLU B 461 26.51 -43.22 -2.66
CA GLU B 461 27.10 -42.07 -2.00
C GLU B 461 27.03 -42.21 -0.48
N ASP B 462 28.04 -41.67 0.20
CA ASP B 462 27.99 -41.57 1.66
C ASP B 462 26.73 -40.84 2.07
N SER B 463 25.90 -41.49 2.88
CA SER B 463 24.64 -40.87 3.29
C SER B 463 24.84 -39.67 4.20
N LYS B 464 26.07 -39.29 4.55
CA LYS B 464 26.34 -38.09 5.32
C LYS B 464 26.43 -36.88 4.38
N MET B 465 26.13 -35.72 4.94
CA MET B 465 26.19 -34.46 4.20
C MET B 465 27.49 -33.74 4.51
N ASP B 466 28.33 -33.55 3.51
CA ASP B 466 29.52 -32.72 3.61
C ASP B 466 29.21 -31.34 3.07
N PHE B 467 30.03 -30.37 3.48
CA PHE B 467 29.79 -28.97 3.16
C PHE B 467 30.85 -28.47 2.19
N SER B 468 30.43 -27.59 1.27
CA SER B 468 31.31 -26.94 0.31
C SER B 468 31.24 -25.45 0.56
N TYR B 469 32.33 -24.88 1.08
CA TYR B 469 32.35 -23.48 1.47
C TYR B 469 32.77 -22.58 0.30
N GLY B 470 32.30 -21.34 0.33
CA GLY B 470 32.60 -20.39 -0.71
C GLY B 470 31.41 -19.54 -1.07
N LEU B 471 31.47 -18.24 -0.78
CA LEU B 471 30.34 -17.33 -0.98
C LEU B 471 29.17 -17.77 -0.10
N THR B 472 28.60 -18.93 -0.42
CA THR B 472 27.60 -19.57 0.43
C THR B 472 28.10 -20.95 0.80
N ILE B 473 27.52 -21.51 1.86
CA ILE B 473 27.77 -22.90 2.24
C ILE B 473 26.81 -23.75 1.42
N LYS B 474 27.32 -24.39 0.37
CA LYS B 474 26.50 -25.28 -0.44
C LYS B 474 26.71 -26.73 -0.01
N PRO B 475 25.68 -27.56 -0.06
CA PRO B 475 25.90 -29.00 0.15
C PRO B 475 26.83 -29.55 -0.91
N LYS B 476 27.89 -30.23 -0.47
CA LYS B 476 28.86 -30.78 -1.39
C LYS B 476 28.17 -31.59 -2.49
N SER B 477 28.66 -31.44 -3.72
CA SER B 477 28.01 -32.00 -4.90
C SER B 477 27.45 -33.38 -4.61
N PHE B 478 26.16 -33.56 -4.95
CA PHE B 478 25.44 -34.78 -4.63
C PHE B 478 24.51 -35.15 -5.78
N THR B 479 23.93 -36.34 -5.67
CA THR B 479 23.00 -36.86 -6.65
C THR B 479 21.67 -37.17 -5.99
N ILE B 480 20.60 -37.11 -6.77
CA ILE B 480 19.27 -37.48 -6.29
C ILE B 480 18.49 -38.12 -7.42
N ASN B 481 17.48 -38.90 -7.06
CA ASN B 481 16.54 -39.53 -7.98
C ASN B 481 15.15 -39.06 -7.62
N VAL B 482 14.49 -38.36 -8.54
CA VAL B 482 13.19 -37.74 -8.27
C VAL B 482 12.11 -38.54 -8.96
N THR B 483 11.11 -38.96 -8.17
CA THR B 483 10.02 -39.84 -8.56
C THR B 483 8.73 -39.02 -8.58
N LEU B 484 7.92 -39.16 -9.63
CA LEU B 484 6.60 -38.53 -9.59
C LEU B 484 5.69 -39.40 -8.72
N ARG B 485 5.16 -38.82 -7.65
CA ARG B 485 4.57 -39.60 -6.57
C ARG B 485 3.06 -39.74 -6.78
N SER B 486 2.43 -40.47 -5.86
CA SER B 486 1.03 -40.87 -6.01
C SER B 486 0.50 -41.26 -4.64
N THR B 487 -0.46 -40.51 -4.12
CA THR B 487 -1.08 -40.81 -2.84
C THR B 487 -2.40 -40.07 -2.70
C8 BHF C . -29.12 7.92 -2.36
C9 BHF C . -28.76 6.66 -1.92
O2 BHF C . -29.21 5.63 -2.49
C10 BHF C . -27.84 6.53 -0.76
C11 BHF C . -27.44 5.30 -0.25
C12 BHF C . -26.58 5.20 0.84
C13 BHF C . -26.07 6.34 1.48
C14 BHF C . -25.21 6.22 2.57
C15 BHF C . -24.73 7.36 3.19
C16 BHF C . -25.09 8.64 2.76
C17 BHF C . -25.94 8.80 1.67
C18 BHF C . -26.45 7.69 1.02
C19 BHF C . -27.37 7.79 -0.14
O1 BHF C . -27.78 9.00 -0.64
C7 BHF C . -28.63 9.07 -1.73
C1 BHF C . -29.05 10.40 -2.23
C2 BHF C . -28.86 11.53 -1.45
C3 BHF C . -29.25 12.78 -1.93
C4 BHF C . -29.81 12.89 -3.19
C5 BHF C . -30.00 11.77 -3.97
C6 BHF C . -29.61 10.52 -3.50
H8 BHF C . -29.79 8.02 -3.20
H11 BHF C . -27.80 4.40 -0.73
H12 BHF C . -26.28 4.22 1.20
H14 BHF C . -24.92 5.24 2.93
H15 BHF C . -24.06 7.26 4.04
H16 BHF C . -24.69 9.50 3.26
H17 BHF C . -26.21 9.80 1.34
H2 BHF C . -28.42 11.44 -0.47
H3 BHF C . -29.11 13.66 -1.32
H4 BHF C . -30.12 13.87 -3.56
H5 BHF C . -30.44 11.86 -4.96
H6 BHF C . -29.75 9.64 -4.11
C8 BHF D . -31.08 15.47 10.07
C9 BHF D . -30.90 14.12 9.79
O2 BHF D . -31.64 13.25 10.30
C10 BHF D . -29.80 13.72 8.86
C11 BHF D . -29.56 12.39 8.53
C12 BHF D . -28.54 12.03 7.66
C13 BHF D . -27.70 12.99 7.07
C14 BHF D . -26.68 12.61 6.21
C15 BHF D . -25.85 13.59 5.64
C16 BHF D . -26.04 14.94 5.91
C17 BHF D . -27.04 15.36 6.78
C18 BHF D . -27.88 14.43 7.37
C19 BHF D . -28.98 14.81 8.29
O1 BHF D . -29.23 16.12 8.63
C7 BHF D . -30.25 16.44 9.50
C1 BHF D . -30.48 17.87 9.83
C2 BHF D . -30.16 18.86 8.90
C3 BHF D . -30.37 20.20 9.20
C4 BHF D . -30.92 20.55 10.44
C5 BHF D . -31.24 19.57 11.36
C6 BHF D . -31.02 18.22 11.06
H8 BHF D . -31.87 15.77 10.75
H11 BHF D . -30.18 11.62 8.96
H12 BHF D . -28.38 10.99 7.43
H14 BHF D . -26.52 11.57 5.98
H15 BHF D . -25.07 13.28 4.96
H16 BHF D . -25.39 15.67 5.46
H17 BHF D . -27.18 16.42 6.99
H2 BHF D . -29.74 18.58 7.94
H3 BHF D . -30.13 20.97 8.49
H4 BHF D . -31.08 21.59 10.68
H5 BHF D . -31.65 19.83 12.32
H6 BHF D . -31.27 17.46 11.78
C8 BHF E . -29.25 14.34 3.70
C9 BHF E . -28.75 13.15 3.18
O2 BHF E . -27.93 13.17 2.24
C10 BHF E . -29.22 11.87 3.77
C11 BHF E . -28.76 10.64 3.30
C12 BHF E . -29.20 9.43 3.86
C13 BHF E . -30.13 9.41 4.91
C14 BHF E . -30.56 8.21 5.45
C15 BHF E . -31.48 8.21 6.49
C16 BHF E . -31.98 9.39 7.02
C17 BHF E . -31.58 10.63 6.51
C18 BHF E . -30.66 10.68 5.47
C19 BHF E . -30.19 11.95 4.87
O1 BHF E . -30.63 13.17 5.33
C7 BHF E . -30.17 14.34 4.75
C1 BHF E . -30.67 15.63 5.27
C2 BHF E . -30.08 16.82 4.87
C3 BHF E . -30.55 18.03 5.35
C4 BHF E . -31.62 18.06 6.25
C5 BHF E . -32.21 16.88 6.65
C6 BHF E . -31.74 15.66 6.16
H8 BHF E . -28.92 15.29 3.28
H11 BHF E . -28.04 10.61 2.49
H12 BHF E . -28.82 8.50 3.47
H14 BHF E . -30.18 7.27 5.06
H15 BHF E . -31.81 7.26 6.91
H16 BHF E . -32.69 9.36 7.83
H17 BHF E . -31.98 11.54 6.92
H2 BHF E . -29.25 16.81 4.18
H3 BHF E . -30.09 18.96 5.04
H4 BHF E . -31.98 19.01 6.62
H5 BHF E . -33.05 16.89 7.35
H6 BHF E . -32.21 14.73 6.48
C8 BHF F . -37.38 21.36 10.24
C9 BHF F . -37.41 22.68 9.85
O2 BHF F . -37.99 23.55 10.54
C10 BHF F . -36.74 23.06 8.58
C11 BHF F . -36.72 24.36 8.10
C12 BHF F . -36.08 24.70 6.91
C13 BHF F . -35.43 23.75 6.13
C14 BHF F . -34.80 24.11 4.95
C15 BHF F . -34.15 23.14 4.18
C16 BHF F . -34.11 21.81 4.58
C17 BHF F . -34.73 21.40 5.77
C18 BHF F . -35.39 22.33 6.56
C19 BHF F . -36.06 21.97 7.83
O1 BHF F . -36.09 20.69 8.30
C7 BHF F . -36.73 20.38 9.48
C1 BHF F . -36.72 18.97 9.96
C2 BHF F . -36.59 18.69 11.32
C3 BHF F . -36.59 17.38 11.76
C4 BHF F . -36.71 16.34 10.85
C5 BHF F . -36.84 16.61 9.49
C6 BHF F . -36.84 17.93 9.05
H8 BHF F . -37.87 21.06 11.18
H11 BHF F . -37.22 25.14 8.68
H12 BHF F . -36.09 25.73 6.58
H14 BHF F . -34.81 25.14 4.62
H15 BHF F . -33.67 23.43 3.25
H16 BHF F . -33.61 21.08 3.97
H17 BHF F . -34.70 20.36 6.07
H2 BHF F . -36.50 19.50 12.02
H3 BHF F . -36.49 17.16 12.82
H4 BHF F . -36.71 15.31 11.19
H5 BHF F . -36.94 15.80 8.78
H6 BHF F . -36.94 18.14 7.99
CHA HEM G . -19.48 11.17 5.61
CHB HEM G . -19.25 15.37 3.21
CHC HEM G . -18.41 12.96 -0.92
CHD HEM G . -18.20 8.83 1.58
C1A HEM G . -19.56 12.51 5.32
C2A HEM G . -19.97 13.57 6.22
C3A HEM G . -19.90 14.72 5.56
C4A HEM G . -19.45 14.45 4.22
CMA HEM G . -20.25 16.11 6.13
CAA HEM G . -20.41 13.37 7.68
CBA HEM G . -19.21 13.40 8.61
CGA HEM G . -19.68 13.44 10.05
O1A HEM G . -18.89 13.86 10.93
O2A HEM G . -20.85 13.05 10.31
C1B HEM G . -18.97 15.08 1.89
C2B HEM G . -18.75 16.06 0.84
C3B HEM G . -18.53 15.39 -0.31
C4B HEM G . -18.60 13.98 -0.02
CMB HEM G . -18.78 17.58 1.07
CAB HEM G . -18.22 15.95 -1.71
CBB HEM G . -17.98 17.24 -1.93
C1C HEM G . -18.20 11.64 -0.59
C2C HEM G . -17.67 10.61 -1.46
C3C HEM G . -17.62 9.47 -0.77
C4C HEM G . -18.11 9.75 0.57
CMC HEM G . -17.26 10.83 -2.94
CAC HEM G . -17.13 8.07 -1.19
CBC HEM G . -16.36 7.90 -2.28
C1D HEM G . -18.59 9.09 2.86
C2D HEM G . -18.84 8.11 3.88
C3D HEM G . -19.19 8.75 4.99
C4D HEM G . -19.17 10.17 4.71
CMD HEM G . -18.73 6.57 3.70
CAD HEM G . -19.55 8.09 6.33
CBD HEM G . -18.27 8.00 7.17
CGD HEM G . -18.61 7.71 8.61
O1D HEM G . -17.74 7.15 9.31
O2D HEM G . -19.74 8.04 9.04
NA HEM G . -19.25 13.09 4.10
NB HEM G . -18.88 13.83 1.33
NC HEM G . -18.45 11.08 0.64
ND HEM G . -18.80 10.35 3.41
FE HEM G . -18.75 12.16 2.39
HHB HEM G . -19.30 16.32 3.45
HHC HEM G . -18.45 13.19 -1.87
HHD HEM G . -17.97 7.90 1.35
HMA HEM G . -20.08 16.80 5.46
HMAA HEM G . -19.69 16.30 6.92
HMAB HEM G . -21.19 16.13 6.40
HAA HEM G . -20.86 12.52 7.77
HAAA HEM G . -21.02 14.09 7.93
HBA HEM G . -18.68 14.20 8.43
HBAA HEM G . -18.66 12.62 8.47
HMB HEM G . -19.28 17.78 1.88
HMBA HEM G . -19.21 18.02 0.31
HMBB HEM G . -17.87 17.92 1.16
HAB HEM G . -18.20 15.35 -2.46
HBB HEM G . -17.79 17.57 -2.82
HBBA HEM G . -17.99 17.88 -1.19
HMC HEM G . -17.78 11.55 -3.32
HMCA HEM G . -17.43 10.02 -3.45
HMCB HEM G . -16.32 11.05 -2.98
HAC HEM G . -17.39 7.30 -0.68
HBC HEM G . -16.06 7.02 -2.52
HBCA HEM G . -16.09 8.67 -2.80
HMD HEM G . -18.56 6.16 4.58
HMDA HEM G . -17.99 6.37 3.10
HMDB HEM G . -19.56 6.23 3.33
HAD HEM G . -19.92 7.22 6.19
HADA HEM G . -20.20 8.65 6.80
HBD HEM G . -17.78 8.83 7.11
HBDA HEM G . -17.73 7.27 6.81
HHA HEM G . -19.66 10.90 6.53
C1 GOL H . -29.20 21.69 4.92
O1 GOL H . -29.44 21.24 6.23
C2 GOL H . -30.26 22.77 4.61
O2 GOL H . -30.10 23.30 3.34
C3 GOL H . -30.10 23.83 5.72
O3 GOL H . -29.73 23.17 6.88
H11 GOL H . -28.32 22.07 4.80
H12 GOL H . -29.28 20.98 4.27
H2 GOL H . -31.15 22.38 4.64
HO2 GOL H . -29.37 22.99 3.01
H31 GOL H . -30.91 24.34 5.78
H32 GOL H . -29.43 24.48 5.42
HO3 GOL H . -30.47 22.94 7.27
C1 GOL I . -24.02 29.85 2.16
O1 GOL I . -24.62 29.33 3.30
C2 GOL I . -23.35 31.17 2.57
O2 GOL I . -22.67 31.76 1.50
C3 GOL I . -24.51 32.07 3.09
O3 GOL I . -23.93 33.25 3.55
H11 GOL I . -23.34 29.25 1.79
H12 GOL I . -24.65 30.02 1.44
HO1 GOL I . -25.01 28.61 3.07
H2 GOL I . -22.69 31.03 3.26
HO2 GOL I . -21.93 31.36 1.41
H31 GOL I . -25.14 32.21 2.36
H32 GOL I . -24.99 31.59 3.77
HO3 GOL I . -23.16 33.30 3.19
C8 BHF J . 25.70 -11.15 -9.38
C9 BHF J . 25.49 -9.73 -9.62
O2 BHF J . 25.57 -9.21 -10.72
C10 BHF J . 25.18 -8.98 -8.40
C11 BHF J . 24.83 -7.61 -8.49
C12 BHF J . 24.54 -6.91 -7.36
C13 BHF J . 24.58 -7.54 -6.09
C14 BHF J . 24.29 -6.80 -4.90
C15 BHF J . 24.32 -7.42 -3.68
C16 BHF J . 24.66 -8.78 -3.58
C17 BHF J . 24.95 -9.52 -4.70
C18 BHF J . 24.91 -8.90 -5.97
C19 BHF J . 25.22 -9.60 -7.17
O1 BHF J . 25.54 -10.92 -7.01
C7 BHF J . 25.71 -11.66 -8.14
C1 BHF J . 26.20 -13.00 -7.86
C2 BHF J . 26.81 -13.32 -6.65
C3 BHF J . 27.26 -14.63 -6.45
C4 BHF J . 27.09 -15.59 -7.43
C5 BHF J . 26.48 -15.26 -8.64
C6 BHF J . 26.03 -13.97 -8.85
H8 BHF J . 25.82 -11.70 -10.13
H11 BHF J . 24.81 -7.22 -9.33
H12 BHF J . 24.32 -6.01 -7.41
H14 BHF J . 24.06 -5.90 -4.98
H15 BHF J . 24.13 -6.94 -2.91
H16 BHF J . 24.68 -9.18 -2.74
H17 BHF J . 25.17 -10.42 -4.63
H2 BHF J . 26.92 -12.67 -6.00
H3 BHF J . 27.67 -14.85 -5.64
H4 BHF J . 27.39 -16.46 -7.29
H5 BHF J . 26.36 -15.91 -9.30
H6 BHF J . 25.62 -13.75 -9.67
C8 BHF K . 34.22 -11.82 4.16
C9 BHF K . 33.21 -12.83 4.45
O2 BHF K . 33.41 -13.78 5.20
C10 BHF K . 31.94 -12.62 3.74
C11 BHF K . 30.90 -13.57 3.85
C12 BHF K . 29.73 -13.38 3.20
C13 BHF K . 29.54 -12.21 2.39
C14 BHF K . 28.31 -12.01 1.71
C15 BHF K . 28.14 -10.89 0.95
C16 BHF K . 29.17 -9.93 0.83
C17 BHF K . 30.36 -10.09 1.48
C18 BHF K . 30.56 -11.26 2.28
C19 BHF K . 31.77 -11.49 2.97
O1 BHF K . 32.72 -10.53 2.82
C7 BHF K . 33.95 -10.78 3.35
C1 BHF K . 34.96 -9.82 2.94
C2 BHF K . 34.63 -8.70 2.19
C3 BHF K . 35.63 -7.81 1.82
C4 BHF K . 36.95 -8.05 2.19
C5 BHF K . 37.28 -9.19 2.93
C6 BHF K . 36.29 -10.08 3.30
H8 BHF K . 35.06 -11.92 4.56
H11 BHF K . 31.04 -14.33 4.38
H12 BHF K . 29.04 -14.01 3.26
H14 BHF K . 27.64 -12.65 1.79
H15 BHF K . 27.34 -10.75 0.50
H16 BHF K . 29.03 -9.17 0.31
H17 BHF K . 31.04 -9.47 1.40
H2 BHF K . 33.74 -8.55 1.94
H3 BHF K . 35.41 -7.05 1.32
H4 BHF K . 37.62 -7.46 1.93
H5 BHF K . 38.17 -9.34 3.17
H6 BHF K . 36.51 -10.83 3.80
C8 BHF L . 29.96 -13.23 -0.98
C9 BHF L . 28.91 -12.70 -1.85
O2 BHF L . 27.85 -13.27 -2.04
C10 BHF L . 29.25 -11.41 -2.46
C11 BHF L . 28.33 -10.78 -3.34
C12 BHF L . 28.64 -9.59 -3.92
C13 BHF L . 29.89 -8.96 -3.64
C14 BHF L . 30.21 -7.71 -4.24
C15 BHF L . 31.40 -7.11 -3.96
C16 BHF L . 32.33 -7.72 -3.10
C17 BHF L . 32.05 -8.92 -2.51
C18 BHF L . 30.81 -9.55 -2.77
C19 BHF L . 30.46 -10.81 -2.19
O1 BHF L . 31.40 -11.35 -1.35
C7 BHF L . 31.11 -12.56 -0.80
C1 BHF L . 32.23 -13.12 -0.05
C2 BHF L . 33.50 -12.55 -0.10
C3 BHF L . 34.53 -13.12 0.63
C4 BHF L . 34.29 -14.25 1.41
C5 BHF L . 33.02 -14.83 1.46
C6 BHF L . 31.99 -14.26 0.73
H8 BHF L . 29.81 -14.05 -0.57
H11 BHF L . 27.53 -11.22 -3.51
H12 BHF L . 28.04 -9.18 -4.49
H14 BHF L . 29.59 -7.33 -4.81
H15 BHF L . 31.61 -6.30 -4.36
H16 BHF L . 33.14 -7.29 -2.92
H17 BHF L . 32.66 -9.32 -1.94
H2 BHF L . 33.64 -11.79 -0.63
H3 BHF L . 35.37 -12.74 0.60
H4 BHF L . 34.98 -14.64 1.89
H5 BHF L . 32.86 -15.58 1.96
H6 BHF L . 31.14 -14.64 0.75
C8 BHF M . 40.34 -15.89 3.93
C9 BHF M . 40.45 -17.30 4.27
O2 BHF M . 41.36 -17.74 4.96
C10 BHF M . 39.38 -18.11 3.72
C11 BHF M . 39.34 -19.50 4.01
C12 BHF M . 38.34 -20.28 3.51
C13 BHF M . 37.34 -19.70 2.68
C14 BHF M . 36.32 -20.51 2.16
C15 BHF M . 35.35 -19.95 1.37
C16 BHF M . 35.38 -18.57 1.05
C17 BHF M . 36.36 -17.76 1.55
C18 BHF M . 37.36 -18.33 2.38
C19 BHF M . 38.41 -17.55 2.92
O1 BHF M . 38.39 -16.22 2.59
C7 BHF M . 39.36 -15.43 3.13
C1 BHF M . 39.38 -14.09 2.58
C2 BHF M . 38.69 -13.79 1.40
C3 BHF M . 38.74 -12.49 0.92
C4 BHF M . 39.46 -11.51 1.60
C5 BHF M . 40.13 -11.83 2.78
C6 BHF M . 40.10 -13.11 3.26
H8 BHF M . 40.97 -15.30 4.29
H11 BHF M . 40.01 -19.86 4.56
H12 BHF M . 38.31 -21.18 3.69
H14 BHF M . 36.30 -21.42 2.36
H15 BHF M . 34.67 -20.48 1.02
H16 BHF M . 34.71 -18.21 0.51
H17 BHF M . 36.38 -16.86 1.34
H2 BHF M . 38.22 -14.45 0.95
H3 BHF M . 38.30 -12.27 0.14
H4 BHF M . 39.49 -10.64 1.28
H5 BHF M . 40.62 -11.18 3.24
H6 BHF M . 40.55 -13.32 4.05
CHA HEM N . 20.97 -8.04 2.21
CHB HEM N . 20.37 -12.78 3.05
CHC HEM N . 17.60 -13.11 -0.92
CHD HEM N . 18.05 -8.34 -1.64
C1A HEM N . 21.12 -9.31 2.72
C2A HEM N . 22.06 -9.70 3.74
C3A HEM N . 21.90 -11.00 3.98
C4A HEM N . 20.85 -11.49 3.12
CMA HEM N . 22.71 -11.85 4.99
CAA HEM N . 23.08 -8.75 4.41
CBA HEM N . 22.48 -8.35 5.76
CGA HEM N . 23.36 -7.32 6.41
O1A HEM N . 23.03 -6.91 7.55
O2A HEM N . 24.37 -6.91 5.78
C1B HEM N . 19.56 -13.29 2.06
C2B HEM N . 19.10 -14.66 1.95
C3B HEM N . 18.34 -14.75 0.85
C4B HEM N . 18.29 -13.44 0.22
CMB HEM N . 19.47 -15.77 2.96
CAB HEM N . 17.59 -15.98 0.28
CBB HEM N . 17.53 -17.14 0.93
C1C HEM N . 17.39 -11.83 -1.40
C2C HEM N . 16.37 -11.42 -2.33
C3C HEM N . 16.51 -10.10 -2.54
C4C HEM N . 17.61 -9.63 -1.72
CMC HEM N . 15.33 -12.36 -2.98
CAC HEM N . 15.66 -9.15 -3.42
CBC HEM N . 14.39 -9.43 -3.72
C1D HEM N . 18.92 -7.85 -0.69
C2D HEM N . 19.41 -6.49 -0.61
C3D HEM N . 20.22 -6.41 0.45
C4D HEM N . 20.25 -7.71 1.08
CMD HEM N . 19.05 -5.36 -1.60
CAD HEM N . 20.98 -5.16 0.95
CBD HEM N . 20.19 -4.50 2.07
CGD HEM N . 20.99 -3.40 2.70
O1D HEM N . 20.38 -2.48 3.31
O2D HEM N . 22.25 -3.41 2.60
NA HEM N . 20.39 -10.43 2.36
NB HEM N . 19.05 -12.58 1.00
NC HEM N . 18.14 -10.72 -1.04
ND HEM N . 19.45 -8.57 0.37
FE HEM N . 19.22 -10.60 0.73
HHB HEM N . 20.63 -13.40 3.77
HHC HEM N . 17.24 -13.85 -1.46
HHD HEM N . 17.74 -7.72 -2.33
HMA HEM N . 22.38 -12.77 4.98
HMAA HEM N . 22.60 -11.48 5.90
HMAB HEM N . 23.66 -11.84 4.75
HAA HEM N . 23.21 -7.97 3.86
HAAA HEM N . 23.92 -9.21 4.55
HBA HEM N . 22.42 -9.13 6.33
HBAA HEM N . 21.60 -7.98 5.62
HMB HEM N . 20.27 -15.52 3.44
HMBA HEM N . 19.61 -16.59 2.48
HMBB HEM N . 18.74 -15.89 3.59
HAB HEM N . 17.16 -15.91 -0.58
HBB HEM N . 17.06 -17.89 0.55
HBBA HEM N . 17.97 -17.23 1.80
HMC HEM N . 15.74 -13.23 -3.13
HMCA HEM N . 15.04 -11.99 -3.82
HMCB HEM N . 14.57 -12.44 -2.39
HAC HEM N . 16.06 -8.34 -3.76
HBC HEM N . 13.87 -8.83 -4.27
HBCA HEM N . 13.98 -10.25 -3.37
HMD HEM N . 19.45 -4.53 -1.30
HMDA HEM N . 18.08 -5.27 -1.66
HMDB HEM N . 19.41 -5.58 -2.50
HAD HEM N . 21.09 -4.54 0.21
HADA HEM N . 21.86 -5.42 1.27
HBD HEM N . 19.98 -5.17 2.74
HBDA HEM N . 19.36 -4.13 1.70
HHA HEM N . 21.41 -7.31 2.69
C1 GOL O . 31.78 -19.68 4.31
O1 GOL O . 31.29 -20.39 3.21
C2 GOL O . 32.10 -18.26 3.81
O2 GOL O . 31.09 -17.76 2.99
C3 GOL O . 32.26 -17.39 5.08
O3 GOL O . 32.74 -18.24 6.09
H11 GOL O . 31.13 -19.63 5.04
H12 GOL O . 32.58 -20.07 4.69
HO1 GOL O . 31.02 -19.80 2.66
H2 GOL O . 32.91 -18.26 3.29
HO2 GOL O . 31.22 -16.93 2.87
H31 GOL O . 32.85 -16.66 4.88
H32 GOL O . 31.40 -16.99 5.29
HO3 GOL O . 32.44 -17.95 6.83
C1 GOL P . -2.43 -4.22 -7.15
O1 GOL P . -1.58 -3.62 -6.21
C2 GOL P . -2.31 -3.42 -8.46
O2 GOL P . -1.08 -3.62 -9.07
C3 GOL P . -2.54 -1.94 -8.05
O3 GOL P . -3.33 -1.37 -9.07
H11 GOL P . -2.21 -5.15 -7.32
H12 GOL P . -3.36 -4.23 -6.86
HO1 GOL P . -2.03 -3.51 -5.51
H2 GOL P . -2.97 -3.70 -9.12
HO2 GOL P . -0.49 -3.72 -8.46
H31 GOL P . -2.96 -1.92 -7.18
H32 GOL P . -1.68 -1.51 -7.94
HO3 GOL P . -3.24 -0.53 -9.00
C1 GOL Q . 29.12 3.00 -3.78
O1 GOL Q . 29.05 3.60 -2.52
C2 GOL Q . 28.06 1.87 -3.83
O2 GOL Q . 28.10 1.15 -5.03
C3 GOL Q . 26.70 2.58 -3.64
O3 GOL Q . 26.97 3.83 -3.07
H11 GOL Q . 30.00 2.61 -3.96
H12 GOL Q . 28.96 3.63 -4.50
HO1 GOL Q . 29.59 4.26 -2.52
H2 GOL Q . 28.22 1.23 -3.11
HO2 GOL Q . 28.67 0.52 -4.94
H31 GOL Q . 26.12 2.02 -3.08
H32 GOL Q . 26.25 2.64 -4.49
HO3 GOL Q . 26.30 4.04 -2.58
C1 GOL R . 25.10 -8.64 -20.09
O1 GOL R . 26.21 -8.66 -19.23
C2 GOL R . 24.73 -10.10 -20.39
O2 GOL R . 24.64 -10.85 -19.23
C3 GOL R . 23.39 -10.02 -21.12
O3 GOL R . 23.01 -11.34 -21.40
H11 GOL R . 24.34 -8.19 -19.69
H12 GOL R . 25.27 -8.17 -20.92
HO1 GOL R . 26.22 -9.43 -18.87
H2 GOL R . 25.42 -10.52 -20.93
H31 GOL R . 22.75 -9.56 -20.56
H32 GOL R . 23.50 -9.47 -21.91
HO3 GOL R . 23.43 -11.83 -20.85
#